data_7E0O
#
_entry.id   7E0O
#
_cell.length_a   85.594
_cell.length_b   96.793
_cell.length_c   130.983
_cell.angle_alpha   90.000
_cell.angle_beta   90.000
_cell.angle_gamma   90.000
#
_symmetry.space_group_name_H-M   'P 21 21 21'
#
loop_
_entity.id
_entity.type
_entity.pdbx_description
1 polymer 'Indoleamine 2,3-dioxygenase 1'
2 non-polymer 6-bromanyl-1~{H}-indazol-4-amine
3 non-polymer 'PROTOPORPHYRIN IX CONTAINING FE'
#
_entity_poly.entity_id   1
_entity_poly.type   'polypeptide(L)'
_entity_poly.pdbx_seq_one_letter_code
;SKEYHIDEEVGFALPNPQENLPDFYNDWMFIAKHLPDLIESGQLRERVEKLNMLSIDHLTDHKSQRLARLVLGCITMAYV
WGKGHGDVRKVLPRNIAVPYCQLSKKLELPPILVYADCVLANWKKKDPNKPLTYENMDVLFSFRDGDCSKGFFLVSLLVE
IAAASAIKVIPTVFKAMQMQERDTLLKALLEIASCLEKALQVFHQIHDHVNPKAFFSVLRIYLSGWKGNPQLSDGLVYEG
FWEDPKEFAGGSAGQSSVFQCFDVLLGIQQTAGGGHAAQFLQDMRRYMPPAHRNFLCSLESNPSVREFVLSKGDAGLREA
YDACVKALVSLRSYHLQIVTKYILIPASQQPKENKTSEDPSKLEAKGTGGTDLMNFLKTVRSTTEKSLLKEG
;
_entity_poly.pdbx_strand_id   A,B
#
loop_
_chem_comp.id
_chem_comp.type
_chem_comp.name
_chem_comp.formula
HEM non-polymer 'PROTOPORPHYRIN IX CONTAINING FE' 'C34 H32 Fe N4 O4'
HS0 non-polymer 6-bromanyl-1~{H}-indazol-4-amine 'C7 H6 Br N3'
#
# COMPACT_ATOMS: atom_id res chain seq x y z
N SER A 1 23.25 -5.59 -1.51
CA SER A 1 21.89 -5.28 -1.98
C SER A 1 21.89 -5.19 -3.53
N LYS A 2 21.46 -6.31 -4.16
CA LYS A 2 21.60 -6.61 -5.59
C LYS A 2 21.03 -5.50 -6.48
N GLU A 3 20.02 -5.83 -7.31
CA GLU A 3 19.46 -4.91 -8.30
C GLU A 3 18.45 -3.93 -7.69
N TYR A 4 18.49 -3.76 -6.37
CA TYR A 4 17.71 -2.76 -5.67
C TYR A 4 18.31 -1.37 -5.81
N HIS A 5 19.38 -1.27 -6.59
CA HIS A 5 19.89 0.03 -6.98
C HIS A 5 20.35 0.77 -5.74
N ILE A 6 21.03 0.06 -4.85
CA ILE A 6 21.47 0.67 -3.60
C ILE A 6 22.97 0.85 -3.70
N ASP A 7 23.38 2.07 -3.48
CA ASP A 7 24.76 2.46 -3.55
C ASP A 7 25.39 2.13 -2.21
N GLU A 8 26.53 1.46 -2.24
CA GLU A 8 27.17 1.23 -0.96
C GLU A 8 27.89 2.48 -0.45
N GLU A 9 27.71 3.66 -1.09
CA GLU A 9 28.23 4.96 -0.62
C GLU A 9 27.15 6.00 -0.30
N VAL A 10 26.25 6.29 -1.25
CA VAL A 10 25.18 7.27 -1.07
C VAL A 10 23.82 6.62 -0.92
N GLY A 11 23.76 5.28 -0.93
CA GLY A 11 22.56 4.54 -0.63
C GLY A 11 21.46 4.63 -1.66
N PHE A 12 20.33 5.21 -1.24
CA PHE A 12 19.18 5.41 -2.12
C PHE A 12 19.36 6.59 -3.05
N ALA A 13 20.36 7.42 -2.81
CA ALA A 13 20.63 8.57 -3.65
C ALA A 13 21.33 8.15 -4.94
N LEU A 14 21.13 9.00 -6.05
CA LEU A 14 21.62 8.54 -7.36
C LEU A 14 23.07 8.95 -7.53
N PRO A 15 23.95 8.03 -8.00
CA PRO A 15 25.39 8.25 -7.83
C PRO A 15 26.04 8.99 -8.99
N ASN A 16 26.50 10.22 -8.74
CA ASN A 16 27.02 11.07 -9.79
C ASN A 16 25.96 11.28 -10.86
N PRO A 17 24.94 12.09 -10.56
CA PRO A 17 23.84 12.29 -11.52
C PRO A 17 24.41 12.89 -12.77
N GLN A 18 23.65 12.80 -13.84
CA GLN A 18 24.07 13.41 -15.08
C GLN A 18 23.92 14.93 -14.90
N GLU A 19 24.96 15.68 -15.30
CA GLU A 19 24.87 17.13 -15.14
C GLU A 19 24.25 17.78 -16.37
N ASN A 20 24.20 17.07 -17.49
CA ASN A 20 23.90 17.60 -18.82
C ASN A 20 23.10 16.56 -19.59
N LEU A 21 22.28 17.01 -20.52
CA LEU A 21 21.43 16.14 -21.31
C LEU A 21 22.04 15.83 -22.67
N PRO A 22 21.36 15.06 -23.54
CA PRO A 22 21.80 15.00 -24.95
C PRO A 22 21.62 16.39 -25.55
N ASP A 23 22.25 16.60 -26.71
CA ASP A 23 21.98 17.86 -27.39
C ASP A 23 20.61 17.84 -28.08
N PHE A 24 20.01 16.66 -28.28
CA PHE A 24 18.72 16.63 -28.94
C PHE A 24 17.63 17.35 -28.15
N TYR A 25 17.97 17.86 -26.96
CA TYR A 25 17.00 18.32 -25.95
C TYR A 25 17.48 19.60 -25.25
N ASN A 26 17.97 20.59 -26.01
CA ASN A 26 18.64 21.74 -25.38
C ASN A 26 17.73 22.91 -25.02
N ASP A 27 16.47 22.96 -25.51
CA ASP A 27 15.50 24.02 -25.13
C ASP A 27 14.63 23.60 -23.93
N TRP A 28 14.74 22.34 -23.51
CA TRP A 28 14.40 21.96 -22.15
C TRP A 28 15.44 22.59 -21.25
N MET A 29 16.63 22.01 -21.29
CA MET A 29 17.67 22.36 -20.35
C MET A 29 17.98 23.86 -20.25
N PHE A 30 17.52 24.70 -21.21
CA PHE A 30 17.83 26.14 -21.12
C PHE A 30 16.85 26.85 -20.20
N ILE A 31 15.56 26.50 -20.32
CA ILE A 31 14.55 26.87 -19.34
C ILE A 31 15.14 26.41 -18.00
N ALA A 32 15.09 25.09 -17.76
CA ALA A 32 15.56 24.50 -16.51
C ALA A 32 16.72 25.24 -15.84
N LYS A 33 17.70 25.78 -16.61
CA LYS A 33 18.91 26.37 -16.01
C LYS A 33 18.81 27.89 -15.76
N HIS A 34 17.73 28.55 -16.23
CA HIS A 34 17.43 29.99 -16.04
C HIS A 34 15.97 30.19 -15.57
N LEU A 35 15.45 29.30 -14.71
CA LEU A 35 14.08 29.41 -14.20
C LEU A 35 13.83 30.62 -13.30
N PRO A 36 14.81 31.11 -12.48
CA PRO A 36 14.54 32.32 -11.68
C PRO A 36 14.43 33.56 -12.56
N ASP A 37 15.48 33.78 -13.38
CA ASP A 37 15.52 34.94 -14.26
C ASP A 37 14.29 35.03 -15.16
N LEU A 38 13.64 33.88 -15.46
CA LEU A 38 12.54 33.73 -16.42
C LEU A 38 11.14 33.78 -15.82
N ILE A 39 10.94 33.09 -14.69
CA ILE A 39 9.70 33.24 -13.92
C ILE A 39 9.52 34.70 -13.59
N GLU A 40 10.53 35.27 -12.92
CA GLU A 40 10.49 36.68 -12.52
C GLU A 40 10.06 37.55 -13.69
N SER A 41 10.88 37.57 -14.75
CA SER A 41 10.67 38.40 -15.89
C SER A 41 9.41 37.98 -16.75
N GLY A 42 8.55 37.07 -16.26
CA GLY A 42 7.24 36.83 -16.84
C GLY A 42 7.21 36.05 -18.13
N GLN A 43 8.31 36.11 -18.88
CA GLN A 43 8.38 35.40 -20.17
C GLN A 43 8.46 33.87 -19.99
N LEU A 44 8.38 33.32 -18.76
CA LEU A 44 8.40 31.87 -18.61
C LEU A 44 7.09 31.23 -19.03
N ARG A 45 5.97 31.72 -18.52
CA ARG A 45 4.68 31.29 -19.06
C ARG A 45 4.32 31.95 -20.35
N GLU A 46 5.35 32.40 -21.05
CA GLU A 46 5.32 32.65 -22.47
C GLU A 46 6.29 31.79 -23.25
N ARG A 47 7.44 31.41 -22.64
CA ARG A 47 8.48 30.64 -23.33
C ARG A 47 8.16 29.15 -23.39
N VAL A 48 7.19 28.69 -22.57
CA VAL A 48 6.94 27.27 -22.34
C VAL A 48 5.94 26.81 -23.41
N GLU A 49 4.75 27.38 -23.40
CA GLU A 49 3.88 27.48 -24.57
C GLU A 49 4.63 27.20 -25.90
N LYS A 50 5.70 27.97 -26.20
CA LYS A 50 6.42 27.88 -27.49
C LYS A 50 7.48 26.78 -27.47
N LEU A 51 7.05 25.54 -27.27
CA LEU A 51 7.95 24.40 -27.43
C LEU A 51 7.18 23.29 -28.13
N ASN A 52 7.93 22.31 -28.67
CA ASN A 52 7.42 21.28 -29.58
C ASN A 52 7.61 19.86 -29.00
N MET A 53 6.77 18.93 -29.44
CA MET A 53 6.55 17.64 -28.74
C MET A 53 7.72 16.71 -29.04
N LEU A 54 8.80 16.85 -28.25
CA LEU A 54 9.96 15.97 -28.36
C LEU A 54 9.53 14.52 -28.01
N SER A 55 10.45 13.58 -28.24
CA SER A 55 10.13 12.17 -28.07
C SER A 55 11.23 11.57 -27.23
N ILE A 56 10.85 10.57 -26.43
CA ILE A 56 11.75 9.99 -25.45
C ILE A 56 12.82 9.14 -26.13
N ASP A 57 12.43 8.46 -27.22
CA ASP A 57 13.24 7.51 -27.97
C ASP A 57 14.76 7.75 -27.82
N HIS A 58 15.21 9.01 -27.77
CA HIS A 58 16.66 9.30 -27.80
C HIS A 58 17.32 8.96 -26.47
N LEU A 59 16.65 9.26 -25.35
CA LEU A 59 17.13 8.98 -23.99
C LEU A 59 17.45 7.50 -23.71
N THR A 60 18.74 7.17 -23.56
CA THR A 60 19.18 5.78 -23.50
C THR A 60 19.50 5.29 -22.08
N ASP A 61 20.65 5.67 -21.52
CA ASP A 61 21.00 5.20 -20.18
C ASP A 61 20.09 5.84 -19.12
N HIS A 62 20.21 5.31 -17.91
CA HIS A 62 19.31 5.64 -16.81
C HIS A 62 19.38 7.15 -16.59
N LYS A 63 20.53 7.60 -16.07
CA LYS A 63 20.75 8.91 -15.48
C LYS A 63 20.13 9.99 -16.35
N SER A 64 20.20 9.74 -17.67
CA SER A 64 19.55 10.57 -18.67
C SER A 64 18.06 10.69 -18.41
N GLN A 65 17.35 9.54 -18.50
CA GLN A 65 15.91 9.53 -18.28
C GLN A 65 15.56 10.23 -16.98
N ARG A 66 16.42 10.05 -15.95
CA ARG A 66 16.17 10.58 -14.61
C ARG A 66 16.34 12.11 -14.57
N LEU A 67 17.57 12.59 -14.84
CA LEU A 67 17.78 14.04 -15.02
C LEU A 67 16.71 14.68 -15.91
N ALA A 68 16.40 14.03 -17.05
CA ALA A 68 15.27 14.42 -17.90
C ALA A 68 13.95 14.61 -17.14
N ARG A 69 13.66 13.71 -16.17
CA ARG A 69 12.45 13.78 -15.33
C ARG A 69 12.55 14.92 -14.33
N LEU A 70 13.81 15.24 -13.91
CA LEU A 70 14.07 16.38 -13.03
C LEU A 70 13.72 17.69 -13.72
N VAL A 71 14.32 17.90 -14.91
CA VAL A 71 14.13 19.02 -15.82
C VAL A 71 12.65 19.25 -16.15
N LEU A 72 12.03 18.30 -16.87
CA LEU A 72 10.57 18.39 -17.06
C LEU A 72 9.85 18.71 -15.77
N GLY A 73 10.29 18.08 -14.66
CA GLY A 73 9.66 18.14 -13.36
C GLY A 73 9.48 19.54 -12.84
N CYS A 74 10.61 20.25 -12.62
CA CYS A 74 10.56 21.61 -12.06
C CYS A 74 9.90 22.61 -13.04
N ILE A 75 10.12 22.42 -14.35
CA ILE A 75 9.49 23.28 -15.37
C ILE A 75 7.96 23.22 -15.21
N THR A 76 7.43 22.03 -14.92
CA THR A 76 5.99 21.90 -14.64
C THR A 76 5.60 22.71 -13.41
N MET A 77 6.49 22.76 -12.40
CA MET A 77 6.23 23.48 -11.15
C MET A 77 6.30 24.99 -11.32
N ALA A 78 7.13 25.47 -12.25
CA ALA A 78 7.16 26.89 -12.59
C ALA A 78 5.93 27.25 -13.42
N TYR A 79 5.55 26.39 -14.34
CA TYR A 79 4.44 26.71 -15.23
C TYR A 79 3.15 26.75 -14.47
N VAL A 80 2.93 25.75 -13.63
CA VAL A 80 1.71 25.64 -12.82
C VAL A 80 1.66 26.73 -11.76
N TRP A 81 2.70 26.82 -10.93
CA TRP A 81 2.72 27.76 -9.82
C TRP A 81 3.13 29.18 -10.22
N GLY A 82 3.64 29.39 -11.43
CA GLY A 82 3.90 30.76 -11.84
C GLY A 82 4.97 31.41 -10.95
N LYS A 83 4.81 32.73 -10.71
CA LYS A 83 5.71 33.48 -9.84
C LYS A 83 5.59 33.01 -8.40
N GLY A 84 4.65 32.08 -8.15
CA GLY A 84 4.36 31.54 -6.85
C GLY A 84 3.61 32.56 -6.06
N HIS A 85 2.49 33.05 -6.59
CA HIS A 85 1.68 33.97 -5.82
C HIS A 85 0.19 33.82 -6.04
N GLY A 86 -0.26 32.83 -6.81
CA GLY A 86 -1.67 32.52 -6.90
C GLY A 86 -2.28 32.49 -8.30
N ASP A 87 -1.59 33.02 -9.31
CA ASP A 87 -2.03 32.86 -10.71
C ASP A 87 -1.59 31.48 -11.10
N VAL A 88 -2.53 30.54 -11.09
CA VAL A 88 -2.22 29.12 -11.20
C VAL A 88 -2.66 28.61 -12.55
N ARG A 89 -1.75 27.93 -13.24
CA ARG A 89 -2.07 27.26 -14.49
C ARG A 89 -2.68 25.90 -14.18
N LYS A 90 -3.87 25.67 -14.74
CA LYS A 90 -4.57 24.40 -14.57
C LYS A 90 -4.52 23.54 -15.83
N VAL A 91 -3.59 23.84 -16.73
CA VAL A 91 -3.45 23.15 -18.01
C VAL A 91 -1.99 23.14 -18.38
N LEU A 92 -1.43 21.95 -18.50
CA LEU A 92 -0.06 21.81 -18.88
C LEU A 92 -0.05 21.51 -20.38
N PRO A 93 0.63 22.37 -21.25
CA PRO A 93 0.46 22.29 -22.70
C PRO A 93 0.58 20.89 -23.30
N ARG A 94 -0.09 20.63 -24.45
CA ARG A 94 -0.07 19.30 -25.08
C ARG A 94 1.33 18.79 -25.22
N ASN A 95 2.27 19.70 -25.31
CA ASN A 95 3.54 19.45 -25.92
C ASN A 95 4.64 19.16 -24.89
N ILE A 96 4.40 19.55 -23.65
CA ILE A 96 5.34 19.46 -22.53
C ILE A 96 4.83 18.36 -21.60
N ALA A 97 3.48 18.24 -21.53
CA ALA A 97 2.70 17.22 -20.82
C ALA A 97 2.53 15.91 -21.58
N VAL A 98 3.26 15.65 -22.68
CA VAL A 98 3.24 14.33 -23.32
C VAL A 98 4.60 13.66 -23.22
N PRO A 99 5.72 14.30 -23.54
CA PRO A 99 7.03 13.67 -23.23
C PRO A 99 7.33 13.59 -21.73
N TYR A 100 6.64 14.37 -20.88
CA TYR A 100 6.84 14.28 -19.44
C TYR A 100 6.13 13.07 -18.86
N CYS A 101 4.94 12.74 -19.38
CA CYS A 101 4.15 11.59 -18.95
C CYS A 101 4.56 10.29 -19.63
N GLN A 102 5.24 10.35 -20.79
CA GLN A 102 5.91 9.16 -21.31
C GLN A 102 7.16 8.86 -20.48
N LEU A 103 8.03 9.86 -20.29
CA LEU A 103 9.26 9.68 -19.53
C LEU A 103 8.95 9.20 -18.12
N SER A 104 7.86 9.68 -17.55
CA SER A 104 7.44 9.20 -16.25
C SER A 104 7.02 7.74 -16.39
N LYS A 105 5.87 7.44 -17.02
CA LYS A 105 5.42 6.05 -17.14
C LYS A 105 6.45 5.07 -17.72
N LYS A 106 7.57 5.57 -18.24
CA LYS A 106 8.67 4.66 -18.56
C LYS A 106 9.30 4.14 -17.27
N LEU A 107 9.39 5.00 -16.25
CA LEU A 107 10.07 4.72 -14.99
C LEU A 107 9.10 4.32 -13.85
N GLU A 108 7.90 3.85 -14.21
CA GLU A 108 6.79 3.54 -13.28
C GLU A 108 6.70 4.57 -12.18
N LEU A 109 6.41 5.80 -12.57
CA LEU A 109 6.42 6.91 -11.64
C LEU A 109 5.32 7.87 -12.05
N PRO A 110 5.00 8.89 -11.26
CA PRO A 110 3.92 9.76 -11.61
C PRO A 110 4.45 11.06 -12.18
N PRO A 111 3.70 11.68 -13.16
CA PRO A 111 4.13 12.94 -13.82
C PRO A 111 4.12 14.18 -12.94
N ILE A 112 5.09 14.24 -12.04
CA ILE A 112 5.20 15.34 -11.11
C ILE A 112 6.49 15.17 -10.33
N LEU A 113 7.04 16.27 -9.89
CA LEU A 113 8.33 16.18 -9.25
C LEU A 113 8.26 15.40 -7.92
N VAL A 114 9.34 14.68 -7.61
CA VAL A 114 9.34 13.91 -6.38
C VAL A 114 10.61 14.08 -5.56
N TYR A 115 10.75 13.24 -4.53
CA TYR A 115 11.92 13.31 -3.67
C TYR A 115 13.13 12.86 -4.45
N ALA A 116 12.99 11.69 -5.09
CA ALA A 116 14.10 11.10 -5.83
C ALA A 116 14.49 11.96 -7.03
N ASP A 117 13.56 12.75 -7.57
CA ASP A 117 13.91 13.71 -8.61
C ASP A 117 14.79 14.80 -8.08
N CYS A 118 14.28 15.59 -7.12
CA CYS A 118 14.90 16.85 -6.75
C CYS A 118 15.68 16.84 -5.42
N VAL A 119 16.06 15.66 -4.90
CA VAL A 119 17.11 15.63 -3.88
C VAL A 119 18.10 14.54 -4.24
N LEU A 120 17.57 13.42 -4.75
CA LEU A 120 18.38 12.24 -5.02
C LEU A 120 19.06 12.26 -6.40
N ALA A 121 18.61 13.11 -7.32
CA ALA A 121 19.19 13.28 -8.64
C ALA A 121 19.82 14.67 -8.85
N ASN A 122 19.13 15.72 -8.42
CA ASN A 122 19.55 17.12 -8.39
C ASN A 122 20.80 17.39 -7.52
N TRP A 123 21.98 16.84 -7.86
CA TRP A 123 23.19 17.19 -7.12
C TRP A 123 24.45 16.98 -7.97
N LYS A 124 25.53 17.68 -7.58
CA LYS A 124 26.84 17.32 -8.09
C LYS A 124 27.87 17.70 -7.04
N LYS A 125 28.98 16.98 -7.07
CA LYS A 125 30.15 17.28 -6.26
C LYS A 125 30.93 18.38 -6.96
N LYS A 126 31.24 19.46 -6.25
CA LYS A 126 32.00 20.53 -6.89
C LYS A 126 33.31 19.99 -7.44
N ASP A 127 34.12 19.39 -6.58
CA ASP A 127 35.30 18.65 -6.98
C ASP A 127 35.05 17.14 -6.88
N PRO A 128 35.02 16.36 -8.03
CA PRO A 128 34.78 14.90 -7.97
C PRO A 128 36.01 14.12 -7.54
N ASN A 129 36.79 14.73 -6.65
CA ASN A 129 37.93 14.09 -6.00
C ASN A 129 38.07 14.45 -4.53
N LYS A 130 37.24 15.35 -4.01
CA LYS A 130 37.18 15.63 -2.58
C LYS A 130 36.00 14.83 -2.02
N PRO A 131 35.52 15.11 -0.81
CA PRO A 131 34.35 14.37 -0.33
C PRO A 131 33.03 15.10 -0.43
N LEU A 132 31.94 14.32 -0.33
CA LEU A 132 30.55 14.76 -0.30
C LEU A 132 30.21 15.56 0.96
N THR A 133 30.39 16.90 0.93
CA THR A 133 29.87 17.76 1.98
C THR A 133 29.07 18.88 1.35
N TYR A 134 28.61 19.80 2.20
CA TYR A 134 27.95 20.98 1.69
C TYR A 134 28.93 21.82 0.89
N GLU A 135 30.12 22.05 1.46
CA GLU A 135 31.08 22.94 0.84
C GLU A 135 31.70 22.36 -0.43
N ASN A 136 31.41 21.10 -0.79
CA ASN A 136 31.95 20.53 -2.01
C ASN A 136 30.87 19.93 -2.89
N MET A 137 29.66 20.44 -2.74
CA MET A 137 28.51 19.99 -3.49
C MET A 137 27.72 21.22 -3.90
N ASP A 138 26.88 21.04 -4.93
CA ASP A 138 25.92 22.05 -5.33
C ASP A 138 24.77 21.37 -6.04
N VAL A 139 23.59 21.96 -5.89
CA VAL A 139 22.41 21.51 -6.62
C VAL A 139 22.55 21.87 -8.11
N LEU A 140 21.83 21.13 -8.95
CA LEU A 140 21.72 21.44 -10.37
C LEU A 140 20.74 22.57 -10.63
N PHE A 141 19.60 22.54 -9.95
CA PHE A 141 18.43 23.37 -10.28
C PHE A 141 17.84 24.06 -9.05
N SER A 142 17.04 25.10 -9.30
CA SER A 142 16.38 25.94 -8.30
C SER A 142 15.21 26.67 -8.98
N PHE A 143 14.38 27.33 -8.17
CA PHE A 143 13.10 27.88 -8.64
C PHE A 143 13.11 29.39 -8.73
N ARG A 144 13.74 30.03 -7.77
CA ARG A 144 13.76 31.47 -7.69
C ARG A 144 15.06 31.75 -6.98
N ASP A 145 15.59 32.93 -7.22
CA ASP A 145 16.81 33.25 -6.52
C ASP A 145 16.44 33.43 -5.06
N GLY A 146 17.37 33.08 -4.17
CA GLY A 146 17.14 33.21 -2.75
C GLY A 146 16.10 32.29 -2.16
N ASP A 147 15.79 31.16 -2.81
CA ASP A 147 14.88 30.18 -2.21
C ASP A 147 15.63 29.19 -1.29
N CYS A 148 16.95 29.03 -1.42
CA CYS A 148 17.80 28.23 -0.54
C CYS A 148 17.79 26.72 -0.88
N SER A 149 16.93 26.25 -1.79
CA SER A 149 17.01 24.95 -2.44
C SER A 149 18.40 24.35 -2.50
N LYS A 150 19.46 25.16 -2.43
CA LYS A 150 20.75 24.57 -2.06
C LYS A 150 20.65 23.96 -0.65
N GLY A 151 20.31 24.81 0.35
CA GLY A 151 20.21 24.35 1.72
C GLY A 151 19.24 23.18 1.90
N PHE A 152 18.03 23.31 1.37
CA PHE A 152 17.01 22.26 1.43
C PHE A 152 17.49 20.94 0.82
N PHE A 153 17.69 20.87 -0.49
CA PHE A 153 18.00 19.57 -1.06
C PHE A 153 19.34 19.07 -0.55
N LEU A 154 20.31 19.98 -0.36
CA LEU A 154 21.65 19.54 0.01
C LEU A 154 21.69 18.99 1.40
N VAL A 155 21.14 19.75 2.37
CA VAL A 155 21.07 19.22 3.73
C VAL A 155 20.25 17.95 3.72
N SER A 156 19.01 18.01 3.18
CA SER A 156 18.15 16.84 3.08
C SER A 156 18.89 15.68 2.43
N LEU A 157 19.60 15.94 1.33
CA LEU A 157 20.41 14.90 0.69
C LEU A 157 21.45 14.35 1.65
N LEU A 158 22.17 15.23 2.35
CA LEU A 158 23.28 14.78 3.17
C LEU A 158 22.82 13.74 4.14
N VAL A 159 21.61 13.92 4.66
CA VAL A 159 21.10 13.01 5.67
C VAL A 159 20.86 11.64 5.04
N GLU A 160 19.90 11.52 4.13
CA GLU A 160 19.76 10.25 3.40
C GLU A 160 21.09 9.51 3.15
N ILE A 161 22.23 10.24 3.09
CA ILE A 161 23.52 9.57 2.91
C ILE A 161 24.04 9.04 4.25
N ALA A 162 23.78 9.76 5.34
CA ALA A 162 24.13 9.26 6.68
C ALA A 162 23.30 8.04 7.09
N ALA A 163 22.06 7.90 6.61
CA ALA A 163 21.33 6.65 6.77
C ALA A 163 21.88 5.49 5.93
N ALA A 164 22.51 5.75 4.77
CA ALA A 164 23.06 4.66 3.93
C ALA A 164 24.14 3.83 4.64
N SER A 165 24.89 4.46 5.55
CA SER A 165 25.86 3.73 6.35
C SER A 165 25.25 2.47 6.93
N ALA A 166 23.96 2.55 7.30
CA ALA A 166 23.20 1.49 7.92
C ALA A 166 22.40 0.63 6.95
N ILE A 167 22.46 0.91 5.64
CA ILE A 167 21.67 0.11 4.74
C ILE A 167 22.45 -1.10 4.30
N LYS A 168 23.77 -0.98 4.30
CA LYS A 168 24.60 -2.11 3.95
C LYS A 168 24.64 -3.11 5.11
N VAL A 169 24.04 -2.72 6.24
CA VAL A 169 24.00 -3.48 7.49
C VAL A 169 22.78 -4.41 7.55
N ILE A 170 21.67 -3.97 6.99
CA ILE A 170 20.47 -4.78 6.87
C ILE A 170 20.79 -6.18 6.36
N PRO A 171 21.57 -6.33 5.31
CA PRO A 171 21.83 -7.71 4.87
C PRO A 171 22.29 -8.62 6.00
N THR A 172 23.15 -8.10 6.88
CA THR A 172 23.79 -8.96 7.89
C THR A 172 22.88 -9.18 9.10
N VAL A 173 21.99 -8.23 9.41
CA VAL A 173 21.04 -8.37 10.50
C VAL A 173 20.25 -9.65 10.32
N PHE A 174 19.38 -9.71 9.32
CA PHE A 174 18.62 -10.93 9.07
C PHE A 174 19.53 -12.16 8.91
N LYS A 175 20.79 -12.01 8.50
CA LYS A 175 21.64 -13.19 8.45
C LYS A 175 21.86 -13.72 9.86
N ALA A 176 22.42 -12.90 10.75
CA ALA A 176 22.52 -13.27 12.17
C ALA A 176 21.24 -13.96 12.69
N MET A 177 20.07 -13.33 12.49
CA MET A 177 18.82 -13.87 13.01
C MET A 177 18.59 -15.31 12.55
N GLN A 178 18.65 -15.53 11.25
CA GLN A 178 18.51 -16.87 10.71
C GLN A 178 19.54 -17.84 11.30
N MET A 179 20.81 -17.65 10.97
CA MET A 179 21.88 -18.54 11.43
C MET A 179 21.99 -18.48 12.97
N GLN A 180 21.20 -17.61 13.59
CA GLN A 180 21.10 -17.51 15.04
C GLN A 180 22.50 -17.33 15.58
N GLU A 181 22.82 -16.09 15.92
CA GLU A 181 24.16 -15.65 16.19
C GLU A 181 23.92 -14.43 17.05
N ARG A 182 23.56 -14.71 18.29
CA ARG A 182 23.17 -13.63 19.18
C ARG A 182 24.19 -12.49 19.08
N ASP A 183 25.49 -12.79 19.25
CA ASP A 183 26.55 -11.80 19.19
C ASP A 183 26.49 -10.93 17.93
N THR A 184 26.76 -11.55 16.77
CA THR A 184 26.81 -10.87 15.48
C THR A 184 25.68 -9.84 15.35
N LEU A 185 24.44 -10.25 15.67
CA LEU A 185 23.29 -9.37 15.45
C LEU A 185 23.32 -8.15 16.35
N LEU A 186 23.59 -8.32 17.67
CA LEU A 186 23.69 -7.15 18.58
C LEU A 186 24.56 -6.05 17.99
N LYS A 187 25.64 -6.43 17.30
CA LYS A 187 26.47 -5.44 16.63
C LYS A 187 25.68 -4.70 15.56
N ALA A 188 25.12 -5.46 14.61
CA ALA A 188 24.46 -4.83 13.49
C ALA A 188 23.42 -3.82 13.96
N LEU A 189 22.72 -4.10 15.08
CA LEU A 189 21.73 -3.12 15.55
C LEU A 189 22.38 -1.93 16.22
N LEU A 190 23.67 -2.04 16.58
CA LEU A 190 24.32 -0.87 17.19
C LEU A 190 24.98 -0.02 16.12
N GLU A 191 25.63 -0.64 15.13
CA GLU A 191 25.96 0.10 13.92
C GLU A 191 24.69 0.80 13.38
N ILE A 192 23.62 0.04 13.06
CA ILE A 192 22.40 0.67 12.59
C ILE A 192 21.98 1.84 13.47
N ALA A 193 22.16 1.72 14.77
CA ALA A 193 21.77 2.82 15.63
C ALA A 193 22.79 3.93 15.54
N SER A 194 24.06 3.55 15.44
CA SER A 194 25.16 4.52 15.44
C SER A 194 24.99 5.55 14.32
N CYS A 195 24.59 5.10 13.12
CA CYS A 195 24.39 5.99 11.96
C CYS A 195 23.38 7.11 12.24
N LEU A 196 22.14 6.73 12.59
CA LEU A 196 21.07 7.71 12.74
C LEU A 196 21.29 8.61 13.95
N GLU A 197 22.17 8.18 14.86
CA GLU A 197 22.62 9.06 15.94
C GLU A 197 23.50 10.17 15.39
N LYS A 198 23.94 10.02 14.14
CA LYS A 198 24.85 10.95 13.47
C LYS A 198 24.18 11.75 12.38
N ALA A 199 23.34 11.09 11.59
CA ALA A 199 22.44 11.76 10.69
C ALA A 199 21.64 12.85 11.39
N LEU A 200 21.77 12.96 12.71
CA LEU A 200 21.23 14.11 13.40
C LEU A 200 22.16 15.33 13.25
N GLN A 201 23.45 15.21 13.60
CA GLN A 201 24.33 16.37 13.49
C GLN A 201 24.42 16.88 12.05
N VAL A 202 24.04 16.04 11.10
CA VAL A 202 23.82 16.48 9.72
C VAL A 202 22.76 17.58 9.71
N PHE A 203 21.53 17.23 10.01
CA PHE A 203 20.42 18.16 10.26
C PHE A 203 20.74 19.54 10.81
N HIS A 204 21.89 19.72 11.46
CA HIS A 204 22.16 20.97 12.16
C HIS A 204 22.56 22.10 11.23
N GLN A 205 23.21 21.75 10.11
CA GLN A 205 23.55 22.71 9.09
C GLN A 205 22.32 23.41 8.53
N ILE A 206 21.15 22.76 8.54
CA ILE A 206 19.92 23.42 8.12
C ILE A 206 19.88 24.86 8.63
N HIS A 207 20.37 25.08 9.85
CA HIS A 207 20.25 26.39 10.44
C HIS A 207 21.27 27.37 9.89
N ASP A 208 22.38 26.84 9.33
CA ASP A 208 23.40 27.64 8.66
C ASP A 208 23.03 27.97 7.20
N HIS A 209 22.21 27.14 6.53
CA HIS A 209 22.05 27.22 5.09
C HIS A 209 20.60 27.41 4.62
N VAL A 210 19.66 27.73 5.52
CA VAL A 210 18.26 27.98 5.16
C VAL A 210 17.70 29.04 6.11
N ASN A 211 16.66 29.71 5.64
CA ASN A 211 16.04 30.84 6.27
C ASN A 211 14.57 30.48 6.46
N PRO A 212 14.00 30.60 7.72
CA PRO A 212 12.56 30.35 7.91
C PRO A 212 11.67 30.97 6.84
N LYS A 213 11.70 32.30 6.75
CA LYS A 213 10.85 33.01 5.78
C LYS A 213 10.99 32.39 4.38
N ALA A 214 12.22 32.29 3.88
CA ALA A 214 12.44 31.86 2.50
C ALA A 214 11.87 30.46 2.26
N PHE A 215 11.97 29.55 3.24
CA PHE A 215 11.46 28.22 2.97
C PHE A 215 9.91 28.16 3.01
N PHE A 216 9.25 28.90 3.92
CA PHE A 216 7.79 28.81 4.05
C PHE A 216 7.10 29.44 2.86
N SER A 217 7.61 30.59 2.42
CA SER A 217 7.05 31.53 1.45
C SER A 217 7.45 31.21 0.01
N VAL A 218 8.76 31.06 -0.23
CA VAL A 218 9.28 30.69 -1.54
C VAL A 218 9.14 29.16 -1.72
N LEU A 219 10.15 28.35 -1.32
CA LEU A 219 10.27 26.95 -1.76
C LEU A 219 8.94 26.21 -1.90
N ARG A 220 8.40 25.87 -0.72
CA ARG A 220 7.12 25.22 -0.47
C ARG A 220 6.11 25.41 -1.60
N ILE A 221 6.00 26.64 -2.14
CA ILE A 221 4.90 26.94 -3.04
C ILE A 221 5.09 26.21 -4.34
N TYR A 222 6.36 26.03 -4.71
CA TYR A 222 6.75 25.37 -5.94
C TYR A 222 6.80 23.86 -5.79
N LEU A 223 6.86 23.36 -4.54
CA LEU A 223 6.93 21.94 -4.26
C LEU A 223 5.54 21.31 -4.17
N SER A 224 4.51 22.12 -3.91
CA SER A 224 3.13 21.68 -3.82
C SER A 224 2.71 20.87 -5.05
N GLY A 225 1.66 20.09 -4.89
CA GLY A 225 1.11 19.35 -6.00
C GLY A 225 -0.38 19.60 -6.08
N TRP A 226 -1.11 18.76 -6.81
CA TRP A 226 -2.50 19.10 -7.10
C TRP A 226 -3.25 17.88 -6.62
N LYS A 227 -3.14 17.62 -5.32
CA LYS A 227 -3.93 16.61 -4.62
C LYS A 227 -4.45 17.25 -3.36
N GLY A 228 -5.77 17.46 -3.28
CA GLY A 228 -6.34 18.11 -2.12
C GLY A 228 -5.87 19.54 -1.92
N ASN A 229 -4.98 20.02 -2.79
CA ASN A 229 -4.73 21.45 -2.86
C ASN A 229 -6.02 22.11 -3.33
N PRO A 230 -6.37 23.28 -2.80
CA PRO A 230 -7.62 23.90 -3.25
C PRO A 230 -7.46 24.86 -4.43
N GLN A 231 -6.22 25.34 -4.72
CA GLN A 231 -5.96 26.16 -5.92
C GLN A 231 -6.26 25.37 -7.19
N LEU A 232 -6.17 24.02 -7.12
CA LEU A 232 -6.50 23.11 -8.23
C LEU A 232 -7.26 21.95 -7.60
N SER A 233 -8.48 22.24 -7.13
CA SER A 233 -9.28 21.24 -6.43
C SER A 233 -9.48 19.98 -7.25
N ASP A 234 -9.49 20.11 -8.59
CA ASP A 234 -9.80 19.02 -9.53
C ASP A 234 -8.57 18.33 -10.07
N GLY A 235 -7.41 18.96 -9.92
CA GLY A 235 -6.15 18.37 -10.35
C GLY A 235 -5.46 19.25 -11.36
N LEU A 236 -4.86 18.65 -12.35
CA LEU A 236 -4.18 19.39 -13.40
C LEU A 236 -4.36 18.63 -14.70
N VAL A 237 -4.89 19.31 -15.72
CA VAL A 237 -4.99 18.71 -17.03
C VAL A 237 -3.59 18.35 -17.53
N TYR A 238 -3.49 17.22 -18.20
CA TYR A 238 -2.24 16.80 -18.85
C TYR A 238 -2.57 16.64 -20.34
N GLU A 239 -2.25 17.68 -21.13
CA GLU A 239 -2.87 17.87 -22.44
C GLU A 239 -2.51 16.76 -23.41
N GLY A 240 -3.49 16.35 -24.19
CA GLY A 240 -3.27 15.23 -25.07
C GLY A 240 -2.57 14.08 -24.36
N PHE A 241 -3.00 13.80 -23.12
CA PHE A 241 -2.53 12.63 -22.40
C PHE A 241 -3.61 12.12 -21.47
N TRP A 242 -4.20 13.00 -20.65
CA TRP A 242 -5.47 12.71 -19.97
C TRP A 242 -6.38 13.90 -20.16
N GLU A 243 -7.47 13.68 -20.91
CA GLU A 243 -8.49 14.72 -21.03
C GLU A 243 -9.14 15.02 -19.71
N ASP A 244 -8.90 14.18 -18.71
CA ASP A 244 -9.43 14.39 -17.39
C ASP A 244 -8.32 14.83 -16.45
N PRO A 245 -8.51 15.95 -15.73
CA PRO A 245 -7.48 16.39 -14.79
C PRO A 245 -7.07 15.27 -13.84
N LYS A 246 -5.82 15.34 -13.44
CA LYS A 246 -5.21 14.27 -12.68
C LYS A 246 -4.60 14.87 -11.44
N GLU A 247 -5.15 14.48 -10.28
CA GLU A 247 -4.58 14.79 -8.98
C GLU A 247 -3.32 13.96 -8.77
N PHE A 248 -2.36 14.55 -8.05
CA PHE A 248 -1.10 13.94 -7.66
C PHE A 248 -0.55 14.68 -6.45
N ALA A 249 0.21 13.95 -5.64
CA ALA A 249 0.75 14.57 -4.46
C ALA A 249 1.79 15.62 -4.83
N GLY A 250 1.86 16.64 -3.99
CA GLY A 250 3.07 17.41 -3.85
C GLY A 250 4.29 16.52 -3.68
N GLY A 251 5.41 17.12 -3.33
CA GLY A 251 6.66 16.41 -3.15
C GLY A 251 7.03 16.48 -1.69
N SER A 252 7.22 15.30 -1.10
CA SER A 252 7.43 15.22 0.34
C SER A 252 8.62 14.31 0.58
N ALA A 253 9.26 14.49 1.72
CA ALA A 253 10.21 13.44 2.05
C ALA A 253 9.47 12.15 2.45
N GLY A 254 8.14 12.22 2.54
CA GLY A 254 7.35 11.02 2.70
C GLY A 254 7.52 10.02 1.58
N GLN A 255 8.40 10.38 0.65
CA GLN A 255 8.77 9.55 -0.47
C GLN A 255 10.20 9.07 -0.33
N SER A 256 10.79 9.16 0.85
CA SER A 256 12.16 8.70 1.02
C SER A 256 12.23 7.25 1.45
N SER A 257 13.15 6.51 0.85
CA SER A 257 13.18 5.09 1.13
C SER A 257 13.97 4.73 2.37
N VAL A 258 14.79 5.64 2.94
CA VAL A 258 15.53 5.23 4.14
C VAL A 258 14.47 5.06 5.21
N PHE A 259 14.41 5.97 6.17
CA PHE A 259 13.31 6.06 7.13
C PHE A 259 12.22 5.02 6.90
N GLN A 260 11.50 5.11 5.78
CA GLN A 260 10.48 4.11 5.48
C GLN A 260 11.02 2.68 5.61
N CYS A 261 12.25 2.43 5.12
CA CYS A 261 12.81 1.10 5.30
C CYS A 261 13.15 0.82 6.76
N PHE A 262 13.61 1.84 7.52
CA PHE A 262 13.97 1.60 8.94
C PHE A 262 12.75 1.41 9.82
N ASP A 263 11.64 2.05 9.51
CA ASP A 263 10.41 1.61 10.13
C ASP A 263 10.12 0.17 9.74
N VAL A 264 10.19 -0.17 8.46
CA VAL A 264 9.95 -1.57 8.13
C VAL A 264 10.82 -2.48 9.00
N LEU A 265 12.15 -2.33 8.87
CA LEU A 265 13.11 -3.18 9.58
C LEU A 265 12.82 -3.29 11.08
N LEU A 266 12.82 -2.13 11.76
CA LEU A 266 12.61 -2.03 13.21
C LEU A 266 11.18 -2.41 13.62
N GLY A 267 10.48 -3.20 12.82
CA GLY A 267 9.19 -3.71 13.23
C GLY A 267 8.17 -2.64 13.58
N ILE A 268 8.40 -1.39 13.19
CA ILE A 268 7.50 -0.29 13.50
C ILE A 268 6.50 -0.20 12.35
N GLN A 269 5.22 -0.45 12.61
CA GLN A 269 4.27 -0.52 11.48
C GLN A 269 3.61 0.85 11.33
N GLN A 270 4.32 1.73 10.57
CA GLN A 270 3.85 3.06 10.18
C GLN A 270 2.86 3.04 9.02
N THR A 271 2.93 2.00 8.19
CA THR A 271 1.98 1.83 7.12
C THR A 271 0.63 1.35 7.65
N ALA A 272 0.63 0.41 8.62
CA ALA A 272 -0.60 -0.20 9.14
C ALA A 272 -1.27 0.72 10.17
N GLY A 273 -2.57 1.00 9.98
CA GLY A 273 -3.27 1.87 10.89
C GLY A 273 -4.61 2.32 10.37
N GLY A 274 -4.67 2.59 9.06
CA GLY A 274 -5.82 3.24 8.48
C GLY A 274 -5.91 4.72 8.79
N GLY A 275 -5.11 5.21 9.74
CA GLY A 275 -5.10 6.62 10.06
C GLY A 275 -4.60 7.45 8.88
N HIS A 276 -4.81 8.76 8.96
CA HIS A 276 -4.35 9.62 7.87
C HIS A 276 -2.84 9.51 7.73
N ALA A 277 -2.12 9.66 8.84
CA ALA A 277 -0.68 9.45 8.81
C ALA A 277 -0.35 8.25 7.94
N ALA A 278 -0.81 7.07 8.36
CA ALA A 278 -0.37 5.81 7.76
C ALA A 278 -0.96 5.59 6.36
N GLN A 279 -2.12 6.18 6.05
CA GLN A 279 -2.65 6.04 4.69
C GLN A 279 -1.74 6.74 3.68
N PHE A 280 -1.35 7.98 3.97
CA PHE A 280 -0.33 8.74 3.24
C PHE A 280 0.87 7.85 2.96
N LEU A 281 1.86 7.82 3.86
CA LEU A 281 3.09 7.08 3.61
C LEU A 281 2.92 5.75 2.88
N GLN A 282 1.73 5.15 2.88
CA GLN A 282 1.48 4.06 1.94
C GLN A 282 1.25 4.56 0.51
N ASP A 283 0.49 5.66 0.33
CA ASP A 283 0.29 6.25 -1.00
C ASP A 283 1.51 7.02 -1.51
N MET A 284 2.55 7.21 -0.71
CA MET A 284 3.81 7.78 -1.19
C MET A 284 4.75 6.71 -1.70
N ARG A 285 4.51 5.45 -1.35
CA ARG A 285 5.29 4.37 -1.94
C ARG A 285 5.16 4.40 -3.45
N ARG A 286 3.99 4.81 -3.94
CA ARG A 286 3.85 4.99 -5.38
C ARG A 286 4.89 5.98 -5.88
N TYR A 287 4.99 7.18 -5.27
CA TYR A 287 5.85 8.32 -5.77
C TYR A 287 7.40 8.12 -5.59
N MET A 288 7.77 6.88 -5.36
CA MET A 288 9.12 6.38 -5.20
C MET A 288 9.46 5.51 -6.41
N PRO A 289 10.73 5.38 -6.81
CA PRO A 289 11.12 4.50 -7.95
C PRO A 289 10.34 3.19 -8.01
N PRO A 290 10.82 2.21 -8.79
CA PRO A 290 10.30 0.85 -8.61
C PRO A 290 11.28 0.04 -7.77
N ALA A 291 12.58 0.16 -8.07
CA ALA A 291 13.63 -0.62 -7.40
C ALA A 291 13.77 -0.28 -5.93
N HIS A 292 13.33 0.92 -5.54
CA HIS A 292 13.30 1.31 -4.15
C HIS A 292 12.01 0.92 -3.48
N ARG A 293 10.96 0.75 -4.28
CA ARG A 293 9.77 0.03 -3.85
C ARG A 293 10.10 -1.43 -3.49
N ASN A 294 10.56 -2.21 -4.48
CA ASN A 294 10.65 -3.67 -4.30
C ASN A 294 11.66 -4.08 -3.23
N PHE A 295 12.39 -3.11 -2.64
CA PHE A 295 13.24 -3.36 -1.48
C PHE A 295 12.48 -3.24 -0.17
N LEU A 296 11.69 -2.16 0.00
CA LEU A 296 10.73 -2.10 1.11
C LEU A 296 9.75 -3.22 1.03
N CYS A 297 9.58 -3.75 -0.15
CA CYS A 297 8.73 -4.91 -0.32
C CYS A 297 9.38 -6.15 0.30
N SER A 298 10.65 -6.42 -0.06
CA SER A 298 11.36 -7.61 0.40
C SER A 298 11.79 -7.49 1.85
N LEU A 299 11.85 -6.26 2.38
CA LEU A 299 11.96 -6.11 3.82
C LEU A 299 10.70 -6.66 4.47
N GLU A 300 9.58 -5.96 4.30
CA GLU A 300 8.32 -6.40 4.89
C GLU A 300 8.05 -7.89 4.74
N SER A 301 8.67 -8.55 3.75
CA SER A 301 8.63 -10.02 3.68
C SER A 301 9.52 -10.67 4.72
N ASN A 302 10.13 -9.90 5.51
CA ASN A 302 11.09 -10.49 6.42
C ASN A 302 10.53 -10.65 7.84
N PRO A 303 11.03 -11.64 8.56
CA PRO A 303 10.58 -11.87 9.93
C PRO A 303 10.93 -10.71 10.85
N SER A 304 9.89 -10.17 11.49
CA SER A 304 10.03 -9.02 12.38
C SER A 304 11.20 -9.16 13.34
N VAL A 305 12.26 -8.39 13.08
CA VAL A 305 13.37 -8.25 14.01
C VAL A 305 12.91 -7.78 15.40
N ARG A 306 11.74 -7.15 15.49
CA ARG A 306 11.24 -6.82 16.82
C ARG A 306 10.83 -8.08 17.57
N GLU A 307 10.04 -8.93 16.94
CA GLU A 307 9.59 -10.12 17.63
C GLU A 307 10.78 -10.92 18.12
N PHE A 308 11.65 -11.30 17.20
CA PHE A 308 12.84 -12.07 17.55
C PHE A 308 13.68 -11.43 18.67
N VAL A 309 13.53 -10.14 18.98
CA VAL A 309 14.22 -9.60 20.15
C VAL A 309 13.36 -9.76 21.38
N LEU A 310 12.06 -9.51 21.25
CA LEU A 310 11.21 -9.64 22.41
C LEU A 310 11.43 -10.99 23.05
N SER A 311 11.22 -12.05 22.26
CA SER A 311 11.36 -13.43 22.70
C SER A 311 12.60 -13.66 23.56
N LYS A 312 13.77 -13.48 22.92
CA LYS A 312 15.06 -13.88 23.48
C LYS A 312 15.30 -13.34 24.88
N GLY A 313 14.51 -12.36 25.32
CA GLY A 313 14.65 -11.85 26.67
C GLY A 313 16.13 -11.74 26.99
N ASP A 314 16.83 -11.03 26.13
CA ASP A 314 18.28 -10.87 26.20
C ASP A 314 18.59 -9.39 26.32
N ALA A 315 18.66 -8.90 27.56
CA ALA A 315 18.74 -7.47 27.81
C ALA A 315 19.81 -6.74 26.99
N GLY A 316 20.71 -7.49 26.37
CA GLY A 316 21.60 -6.91 25.36
C GLY A 316 20.83 -6.40 24.15
N LEU A 317 20.32 -7.32 23.32
CA LEU A 317 19.49 -6.92 22.17
C LEU A 317 18.34 -6.02 22.61
N ARG A 318 17.65 -6.39 23.69
CA ARG A 318 16.57 -5.55 24.20
C ARG A 318 17.04 -4.09 24.18
N GLU A 319 18.27 -3.85 24.69
CA GLU A 319 18.88 -2.51 24.71
C GLU A 319 19.32 -2.02 23.32
N ALA A 320 20.02 -2.86 22.53
CA ALA A 320 20.53 -2.41 21.21
C ALA A 320 19.41 -1.98 20.29
N TYR A 321 18.35 -2.80 20.22
CA TYR A 321 17.16 -2.49 19.42
C TYR A 321 16.47 -1.23 19.93
N ASP A 322 16.42 -1.01 21.24
CA ASP A 322 15.89 0.27 21.70
C ASP A 322 16.80 1.44 21.26
N ALA A 323 18.11 1.23 21.16
CA ALA A 323 18.99 2.28 20.67
C ALA A 323 18.55 2.79 19.30
N CYS A 324 18.07 1.89 18.42
CA CYS A 324 17.63 2.27 17.08
C CYS A 324 16.30 3.00 17.10
N VAL A 325 15.40 2.55 17.95
CA VAL A 325 14.14 3.25 18.00
C VAL A 325 14.30 4.51 18.84
N LYS A 326 15.24 4.54 19.81
CA LYS A 326 15.63 5.82 20.42
C LYS A 326 16.20 6.78 19.37
N ALA A 327 17.06 6.28 18.48
CA ALA A 327 17.63 7.11 17.43
C ALA A 327 16.53 7.76 16.58
N LEU A 328 15.52 6.98 16.16
CA LEU A 328 14.52 7.47 15.22
C LEU A 328 13.57 8.48 15.85
N VAL A 329 13.19 8.28 17.11
CA VAL A 329 12.45 9.32 17.81
C VAL A 329 13.32 10.57 17.92
N SER A 330 14.58 10.38 18.34
CA SER A 330 15.45 11.52 18.48
C SER A 330 15.35 12.43 17.26
N LEU A 331 15.39 11.85 16.04
CA LEU A 331 15.41 12.63 14.79
C LEU A 331 14.07 13.30 14.50
N ARG A 332 12.95 12.58 14.72
CA ARG A 332 11.66 13.19 14.42
C ARG A 332 11.22 14.16 15.50
N SER A 333 11.92 14.18 16.65
CA SER A 333 11.78 15.23 17.65
C SER A 333 12.52 16.51 17.24
N TYR A 334 13.63 16.36 16.45
CA TYR A 334 14.27 17.48 15.77
C TYR A 334 13.40 17.97 14.64
N HIS A 335 12.97 17.04 13.80
CA HIS A 335 12.20 17.38 12.61
C HIS A 335 10.90 18.05 12.94
N LEU A 336 10.52 18.05 14.20
CA LEU A 336 9.41 18.87 14.67
C LEU A 336 9.88 20.21 15.19
N GLN A 337 11.12 20.28 15.71
CA GLN A 337 11.71 21.55 16.14
C GLN A 337 12.08 22.43 14.94
N ILE A 338 12.40 21.83 13.81
CA ILE A 338 12.57 22.63 12.61
C ILE A 338 11.24 23.12 12.09
N VAL A 339 10.28 22.21 11.92
CA VAL A 339 8.98 22.59 11.38
C VAL A 339 8.33 23.72 12.19
N THR A 340 8.65 23.87 13.48
CA THR A 340 8.06 25.02 14.19
C THR A 340 8.82 26.31 13.86
N LYS A 341 10.17 26.22 13.65
CA LYS A 341 10.95 27.39 13.22
C LYS A 341 10.62 27.77 11.78
N TYR A 342 10.39 26.77 10.92
CA TYR A 342 10.39 26.93 9.48
C TYR A 342 8.99 26.83 8.82
N ILE A 343 7.93 26.48 9.55
CA ILE A 343 6.56 26.55 8.97
C ILE A 343 5.52 27.17 9.91
N LEU A 344 5.62 26.97 11.22
CA LEU A 344 4.60 27.52 12.12
C LEU A 344 4.82 28.98 12.47
N ILE A 345 5.98 29.28 13.10
CA ILE A 345 6.29 30.67 13.42
C ILE A 345 6.09 31.59 12.22
N PRO A 346 6.69 31.32 11.03
CA PRO A 346 6.41 32.19 9.86
C PRO A 346 4.93 32.25 9.48
N ALA A 347 4.21 31.12 9.39
CA ALA A 347 2.79 31.16 8.99
C ALA A 347 1.95 32.14 9.81
N SER A 348 2.45 32.55 10.99
CA SER A 348 1.82 33.51 11.89
C SER A 348 2.31 34.94 11.67
N GLN A 349 2.89 35.24 10.51
CA GLN A 349 3.46 36.56 10.18
C GLN A 349 3.07 36.97 8.72
N GLY A 369 -2.20 22.66 5.33
CA GLY A 369 -2.68 23.97 5.73
C GLY A 369 -1.83 24.59 6.83
N GLY A 370 -1.65 23.82 7.92
CA GLY A 370 -0.96 24.22 9.14
C GLY A 370 -0.87 23.09 10.15
N THR A 371 -1.33 23.29 11.40
CA THR A 371 -1.48 22.25 12.41
C THR A 371 -1.59 20.81 11.90
N ASP A 372 -2.65 20.48 11.15
CA ASP A 372 -2.83 19.15 10.53
C ASP A 372 -1.52 18.53 10.07
N LEU A 373 -0.56 19.36 9.61
CA LEU A 373 0.78 18.85 9.28
C LEU A 373 1.47 18.29 10.53
N MET A 374 1.43 19.05 11.62
CA MET A 374 2.17 18.66 12.82
C MET A 374 1.55 17.43 13.50
N ASN A 375 0.23 17.42 13.64
CA ASN A 375 -0.46 16.21 14.07
C ASN A 375 0.07 14.99 13.33
N PHE A 376 -0.08 14.95 12.01
CA PHE A 376 0.66 13.95 11.24
C PHE A 376 2.05 13.69 11.86
N LEU A 377 2.94 14.69 11.93
CA LEU A 377 4.34 14.46 12.26
C LEU A 377 4.52 13.95 13.66
N LYS A 378 3.52 14.20 14.52
CA LYS A 378 3.42 13.69 15.89
C LYS A 378 2.82 12.28 15.94
N THR A 379 1.63 12.08 15.36
CA THR A 379 1.12 10.76 15.03
C THR A 379 2.22 9.78 14.67
N VAL A 380 3.31 10.29 14.10
CA VAL A 380 4.40 9.46 13.60
C VAL A 380 5.52 9.33 14.62
N ARG A 381 5.92 10.45 15.23
CA ARG A 381 6.83 10.36 16.36
C ARG A 381 6.33 9.32 17.35
N SER A 382 5.02 9.35 17.64
CA SER A 382 4.42 8.48 18.66
C SER A 382 4.58 7.01 18.29
N THR A 383 3.98 6.61 17.17
CA THR A 383 3.98 5.21 16.76
C THR A 383 5.37 4.59 16.76
N THR A 384 6.40 5.40 16.51
CA THR A 384 7.78 5.02 16.80
C THR A 384 7.96 4.67 18.27
N GLU A 385 7.84 5.67 19.17
CA GLU A 385 7.97 5.49 20.62
C GLU A 385 7.38 4.16 21.12
N LYS A 386 6.07 3.93 20.87
CA LYS A 386 5.36 2.72 21.27
C LYS A 386 5.86 1.45 20.62
N SER A 387 7.13 1.40 20.22
CA SER A 387 7.76 0.14 19.91
C SER A 387 9.03 -0.07 20.71
N LEU A 388 9.43 0.92 21.50
CA LEU A 388 10.37 0.64 22.57
C LEU A 388 9.89 -0.52 23.45
N LEU A 389 10.82 -1.36 23.87
CA LEU A 389 10.50 -2.44 24.78
C LEU A 389 10.43 -1.93 26.22
N SER B 1 6.28 -21.50 -2.96
CA SER B 1 5.87 -20.32 -2.21
C SER B 1 5.85 -20.75 -0.73
N LYS B 2 7.03 -20.63 -0.08
CA LYS B 2 7.35 -21.36 1.16
C LYS B 2 6.57 -20.81 2.36
N GLU B 3 6.73 -19.51 2.61
CA GLU B 3 6.26 -18.88 3.83
C GLU B 3 5.11 -17.93 3.62
N TYR B 4 4.72 -17.66 2.38
CA TYR B 4 3.56 -16.82 2.17
C TYR B 4 2.32 -17.47 2.79
N HIS B 5 2.49 -18.70 3.30
CA HIS B 5 1.47 -19.39 4.07
C HIS B 5 0.42 -19.86 3.07
N ILE B 6 0.79 -20.86 2.27
CA ILE B 6 -0.15 -21.33 1.28
C ILE B 6 -0.05 -22.83 1.04
N ASP B 7 -0.74 -23.60 1.91
CA ASP B 7 -0.93 -25.02 1.69
C ASP B 7 -1.35 -25.23 0.24
N GLU B 8 -0.93 -26.35 -0.35
CA GLU B 8 -1.23 -26.53 -1.76
C GLU B 8 -2.71 -26.77 -1.96
N GLU B 9 -3.25 -27.81 -1.34
CA GLU B 9 -4.65 -28.16 -1.54
C GLU B 9 -5.59 -26.98 -1.27
N VAL B 10 -5.12 -25.88 -0.66
CA VAL B 10 -5.96 -24.72 -0.40
C VAL B 10 -5.40 -23.45 -1.02
N GLY B 11 -4.07 -23.31 -1.07
CA GLY B 11 -3.51 -22.07 -1.55
C GLY B 11 -3.60 -21.00 -0.49
N PHE B 12 -4.53 -20.03 -0.62
CA PHE B 12 -4.58 -18.92 0.31
C PHE B 12 -5.42 -19.20 1.51
N ALA B 13 -6.44 -20.03 1.36
CA ALA B 13 -7.24 -20.38 2.50
C ALA B 13 -6.40 -21.16 3.51
N LEU B 14 -6.87 -21.15 4.77
CA LEU B 14 -6.27 -21.81 5.91
C LEU B 14 -6.62 -23.28 5.90
N PRO B 15 -5.65 -24.20 5.88
CA PRO B 15 -6.01 -25.62 5.87
C PRO B 15 -6.55 -26.12 7.23
N ASN B 16 -7.50 -27.11 7.18
CA ASN B 16 -8.13 -27.75 8.36
C ASN B 16 -8.32 -26.82 9.56
N PRO B 17 -8.96 -25.66 9.36
CA PRO B 17 -9.18 -24.71 10.48
C PRO B 17 -9.69 -25.38 11.72
N GLN B 18 -9.32 -24.78 12.86
CA GLN B 18 -9.78 -25.21 14.19
C GLN B 18 -11.29 -25.01 14.38
N GLU B 19 -11.98 -26.05 14.90
CA GLU B 19 -13.43 -26.02 15.04
C GLU B 19 -13.88 -25.47 16.38
N ASN B 20 -13.05 -25.57 17.42
CA ASN B 20 -13.40 -25.11 18.76
C ASN B 20 -12.16 -24.45 19.37
N LEU B 21 -12.39 -23.49 20.23
CA LEU B 21 -11.34 -22.83 20.98
C LEU B 21 -10.88 -23.71 22.14
N PRO B 22 -9.93 -23.21 22.96
CA PRO B 22 -9.84 -23.69 24.33
C PRO B 22 -11.20 -23.60 25.04
N ASP B 23 -11.44 -24.60 25.89
CA ASP B 23 -12.56 -24.57 26.81
C ASP B 23 -12.58 -23.27 27.60
N PHE B 24 -11.40 -22.66 27.82
CA PHE B 24 -11.38 -21.36 28.49
C PHE B 24 -12.27 -20.36 27.74
N TYR B 25 -12.07 -20.17 26.44
CA TYR B 25 -12.87 -19.12 25.80
C TYR B 25 -14.31 -19.60 25.50
N ASN B 26 -15.03 -20.14 26.49
CA ASN B 26 -16.36 -20.66 26.23
C ASN B 26 -17.42 -19.58 26.22
N ASP B 27 -17.35 -18.58 27.11
CA ASP B 27 -18.39 -17.54 27.15
C ASP B 27 -18.55 -16.86 25.79
N TRP B 28 -17.47 -16.80 24.97
CA TRP B 28 -17.44 -16.31 23.58
C TRP B 28 -18.09 -17.35 22.68
N MET B 29 -17.46 -18.52 22.52
CA MET B 29 -17.93 -19.46 21.51
C MET B 29 -19.40 -19.75 21.63
N PHE B 30 -19.99 -19.53 22.80
CA PHE B 30 -21.42 -19.80 22.95
C PHE B 30 -22.23 -18.75 22.23
N ILE B 31 -21.86 -17.49 22.42
CA ILE B 31 -22.64 -16.42 21.81
C ILE B 31 -22.57 -16.55 20.28
N ALA B 32 -21.40 -16.90 19.75
CA ALA B 32 -21.21 -17.05 18.30
C ALA B 32 -21.97 -18.26 17.73
N LYS B 33 -21.77 -19.46 18.28
CA LYS B 33 -22.44 -20.65 17.75
C LYS B 33 -23.96 -20.61 17.87
N HIS B 34 -24.55 -19.65 18.60
CA HIS B 34 -26.01 -19.55 18.77
C HIS B 34 -26.48 -18.14 18.43
N LEU B 35 -25.92 -17.57 17.36
CA LEU B 35 -26.17 -16.20 16.94
C LEU B 35 -27.55 -15.97 16.35
N PRO B 36 -28.12 -16.90 15.59
CA PRO B 36 -29.42 -16.61 14.94
C PRO B 36 -30.60 -16.74 15.87
N ASP B 37 -30.45 -17.52 16.95
CA ASP B 37 -31.47 -17.65 17.98
C ASP B 37 -31.38 -16.46 18.91
N LEU B 38 -30.17 -16.22 19.44
CA LEU B 38 -29.95 -15.11 20.37
C LEU B 38 -30.49 -13.80 19.81
N ILE B 39 -30.32 -13.60 18.49
CA ILE B 39 -30.67 -12.36 17.81
C ILE B 39 -32.19 -12.28 17.61
N GLU B 40 -32.79 -13.39 17.20
CA GLU B 40 -34.23 -13.48 17.03
C GLU B 40 -34.94 -13.03 18.31
N SER B 41 -34.67 -13.76 19.41
CA SER B 41 -35.26 -13.48 20.72
C SER B 41 -34.97 -12.05 21.18
N GLY B 42 -33.80 -11.51 20.83
CA GLY B 42 -33.34 -10.20 21.27
C GLY B 42 -32.35 -10.25 22.41
N GLN B 43 -32.35 -11.35 23.17
CA GLN B 43 -31.53 -11.48 24.36
C GLN B 43 -30.03 -11.31 24.07
N LEU B 44 -29.61 -11.20 22.80
CA LEU B 44 -28.18 -11.09 22.50
C LEU B 44 -27.51 -9.91 23.17
N ARG B 45 -27.80 -8.70 22.69
CA ARG B 45 -27.08 -7.53 23.15
C ARG B 45 -26.72 -7.62 24.64
N GLU B 46 -27.73 -7.74 25.52
CA GLU B 46 -27.46 -7.97 26.95
C GLU B 46 -26.31 -8.97 27.12
N ARG B 47 -26.50 -10.22 26.66
CA ARG B 47 -25.56 -11.30 27.00
C ARG B 47 -24.13 -11.00 26.54
N VAL B 48 -23.92 -9.94 25.78
CA VAL B 48 -22.58 -9.43 25.48
C VAL B 48 -22.26 -8.43 26.59
N GLU B 49 -23.05 -7.34 26.64
CA GLU B 49 -22.82 -6.28 27.63
C GLU B 49 -22.70 -6.87 29.04
N LYS B 50 -23.13 -8.13 29.23
CA LYS B 50 -22.88 -8.87 30.44
C LYS B 50 -21.78 -9.93 30.22
N LEU B 51 -20.61 -9.53 29.72
CA LEU B 51 -19.50 -10.48 29.59
C LEU B 51 -18.31 -9.97 30.35
N ASN B 52 -17.21 -10.73 30.30
CA ASN B 52 -16.04 -10.44 31.13
C ASN B 52 -14.76 -10.47 30.29
N MET B 53 -14.04 -9.35 30.25
CA MET B 53 -12.94 -9.19 29.31
C MET B 53 -11.87 -10.25 29.51
N LEU B 54 -11.70 -11.11 28.54
CA LEU B 54 -10.69 -12.14 28.67
C LEU B 54 -9.35 -11.70 28.11
N SER B 55 -8.36 -12.56 28.31
CA SER B 55 -7.04 -12.31 27.78
C SER B 55 -6.87 -13.16 26.54
N ILE B 56 -6.25 -12.58 25.52
CA ILE B 56 -5.87 -13.34 24.37
C ILE B 56 -4.69 -14.24 24.63
N ASP B 57 -4.05 -14.08 25.80
CA ASP B 57 -2.77 -14.70 26.15
C ASP B 57 -2.91 -16.20 26.37
N HIS B 58 -4.10 -16.78 26.16
CA HIS B 58 -4.30 -18.22 26.09
C HIS B 58 -4.62 -18.67 24.68
N LEU B 59 -4.58 -17.73 23.72
CA LEU B 59 -4.61 -18.01 22.29
C LEU B 59 -3.18 -18.24 21.84
N THR B 60 -2.81 -19.52 21.77
CA THR B 60 -1.43 -19.90 21.55
C THR B 60 -1.00 -19.79 20.09
N ASP B 61 -1.63 -20.57 19.20
CA ASP B 61 -1.13 -20.76 17.84
C ASP B 61 -1.82 -19.81 16.85
N HIS B 62 -1.42 -19.96 15.59
CA HIS B 62 -2.07 -19.25 14.51
C HIS B 62 -3.53 -19.69 14.43
N LYS B 63 -3.77 -20.93 13.96
CA LYS B 63 -5.11 -21.44 13.77
C LYS B 63 -6.11 -20.99 14.84
N SER B 64 -5.74 -21.18 16.11
CA SER B 64 -6.54 -20.68 17.24
C SER B 64 -6.66 -19.19 17.21
N GLN B 65 -5.50 -18.52 17.28
CA GLN B 65 -5.48 -17.07 17.09
C GLN B 65 -6.49 -16.72 15.99
N ARG B 66 -6.45 -17.43 14.85
CA ARG B 66 -7.42 -17.23 13.77
C ARG B 66 -8.86 -17.60 14.20
N LEU B 67 -9.05 -18.81 14.73
CA LEU B 67 -10.41 -19.27 15.03
C LEU B 67 -11.14 -18.37 16.03
N ALA B 68 -10.40 -17.63 16.88
CA ALA B 68 -11.07 -16.67 17.77
C ALA B 68 -11.48 -15.40 17.04
N ARG B 69 -10.69 -15.03 16.01
CA ARG B 69 -10.91 -13.76 15.31
C ARG B 69 -12.29 -13.76 14.69
N LEU B 70 -12.59 -14.87 14.02
CA LEU B 70 -13.88 -15.09 13.41
C LEU B 70 -14.99 -14.81 14.40
N VAL B 71 -14.90 -15.48 15.56
CA VAL B 71 -15.85 -15.51 16.65
C VAL B 71 -16.18 -14.14 17.21
N LEU B 72 -15.16 -13.46 17.75
CA LEU B 72 -15.28 -12.03 18.06
C LEU B 72 -15.83 -11.20 16.87
N GLY B 73 -15.19 -11.30 15.69
CA GLY B 73 -15.62 -10.56 14.51
C GLY B 73 -17.12 -10.68 14.25
N CYS B 74 -17.57 -11.92 13.99
CA CYS B 74 -18.97 -12.27 13.86
C CYS B 74 -19.84 -11.54 14.89
N ILE B 75 -19.52 -11.77 16.17
CA ILE B 75 -20.25 -11.18 17.29
C ILE B 75 -20.31 -9.67 17.15
N THR B 76 -19.20 -9.04 16.76
CA THR B 76 -19.26 -7.59 16.54
C THR B 76 -20.34 -7.25 15.50
N MET B 77 -20.27 -7.88 14.32
CA MET B 77 -21.35 -7.68 13.35
C MET B 77 -22.70 -7.86 14.01
N ALA B 78 -22.86 -8.93 14.80
CA ALA B 78 -24.16 -9.28 15.37
C ALA B 78 -24.64 -8.20 16.34
N TYR B 79 -23.78 -7.83 17.31
CA TYR B 79 -24.08 -6.80 18.28
C TYR B 79 -24.26 -5.41 17.66
N VAL B 80 -23.62 -5.12 16.51
CA VAL B 80 -23.72 -3.79 15.89
C VAL B 80 -24.98 -3.66 15.03
N TRP B 81 -25.15 -4.57 14.06
CA TRP B 81 -26.22 -4.43 13.08
C TRP B 81 -27.57 -4.91 13.63
N GLY B 82 -27.55 -5.64 14.76
CA GLY B 82 -28.76 -6.04 15.46
C GLY B 82 -29.54 -7.17 14.82
N LYS B 83 -30.83 -6.89 14.53
CA LYS B 83 -31.74 -7.74 13.74
C LYS B 83 -31.62 -7.46 12.25
N GLY B 84 -30.85 -6.44 11.85
CA GLY B 84 -30.72 -6.04 10.47
C GLY B 84 -31.78 -5.10 9.98
N HIS B 85 -32.60 -4.56 10.88
CA HIS B 85 -33.67 -3.64 10.47
C HIS B 85 -33.44 -2.24 11.03
N GLY B 86 -32.22 -1.92 11.49
CA GLY B 86 -31.85 -0.55 11.75
C GLY B 86 -31.34 -0.23 13.15
N ASP B 87 -31.61 -1.10 14.12
CA ASP B 87 -31.26 -0.86 15.52
C ASP B 87 -29.75 -0.92 15.69
N VAL B 88 -29.09 0.23 15.52
CA VAL B 88 -27.65 0.26 15.29
C VAL B 88 -26.93 0.85 16.50
N ARG B 89 -26.10 0.04 17.15
CA ARG B 89 -25.37 0.43 18.36
C ARG B 89 -23.98 0.91 17.98
N LYS B 90 -23.70 2.21 18.22
CA LYS B 90 -22.52 2.92 17.72
C LYS B 90 -21.26 2.71 18.57
N VAL B 91 -21.29 1.82 19.60
CA VAL B 91 -20.13 1.61 20.47
C VAL B 91 -19.99 0.14 20.83
N LEU B 92 -18.74 -0.29 20.98
CA LEU B 92 -18.44 -1.68 21.25
C LEU B 92 -17.97 -1.85 22.68
N PRO B 93 -18.71 -2.56 23.59
CA PRO B 93 -18.25 -2.68 24.99
C PRO B 93 -16.76 -2.93 25.10
N ARG B 94 -16.11 -2.31 26.09
CA ARG B 94 -14.73 -2.65 26.41
C ARG B 94 -14.57 -4.15 26.54
N ASN B 95 -15.54 -4.78 27.17
CA ASN B 95 -15.33 -6.14 27.59
C ASN B 95 -15.02 -7.07 26.44
N ILE B 96 -15.30 -6.68 25.21
CA ILE B 96 -15.18 -7.56 24.04
C ILE B 96 -14.24 -6.94 23.01
N ALA B 97 -14.32 -5.60 22.87
CA ALA B 97 -13.42 -4.83 22.01
C ALA B 97 -11.94 -5.08 22.37
N VAL B 98 -11.55 -4.72 23.58
CA VAL B 98 -10.16 -4.81 24.02
C VAL B 98 -9.53 -6.21 24.11
N PRO B 99 -10.28 -7.33 24.11
CA PRO B 99 -9.60 -8.61 23.89
C PRO B 99 -9.37 -8.78 22.41
N TYR B 100 -10.34 -8.32 21.62
CA TYR B 100 -10.34 -8.37 20.17
C TYR B 100 -9.10 -7.64 19.64
N CYS B 101 -9.22 -6.34 19.48
CA CYS B 101 -8.17 -5.42 19.07
C CYS B 101 -6.78 -5.62 19.61
N GLN B 102 -6.62 -6.16 20.81
CA GLN B 102 -5.29 -6.62 21.17
C GLN B 102 -4.79 -7.55 20.09
N LEU B 103 -5.68 -8.43 19.62
CA LEU B 103 -5.33 -9.58 18.79
C LEU B 103 -5.37 -9.26 17.30
N SER B 104 -6.11 -8.23 16.90
CA SER B 104 -5.94 -7.64 15.56
C SER B 104 -4.50 -7.14 15.39
N LYS B 105 -4.04 -6.31 16.34
CA LYS B 105 -2.62 -5.96 16.40
C LYS B 105 -1.73 -7.20 16.30
N LYS B 106 -1.83 -8.13 17.26
CA LYS B 106 -1.01 -9.35 17.24
C LYS B 106 -0.91 -9.97 15.84
N LEU B 107 -2.01 -9.95 15.07
CA LEU B 107 -2.08 -10.65 13.79
C LEU B 107 -2.14 -9.73 12.56
N GLU B 108 -2.15 -8.40 12.73
CA GLU B 108 -1.91 -7.39 11.67
C GLU B 108 -3.11 -7.21 10.74
N LEU B 109 -4.31 -7.21 11.32
CA LEU B 109 -5.53 -6.88 10.62
C LEU B 109 -6.32 -5.83 11.37
N PRO B 110 -7.33 -5.22 10.73
CA PRO B 110 -8.26 -4.35 11.46
C PRO B 110 -9.24 -5.15 12.31
N PRO B 111 -9.79 -4.48 13.36
CA PRO B 111 -10.83 -5.06 14.22
C PRO B 111 -12.18 -4.94 13.53
N ILE B 112 -12.36 -5.79 12.53
CA ILE B 112 -13.66 -5.93 11.90
C ILE B 112 -13.63 -7.24 11.13
N LEU B 113 -14.80 -7.74 10.73
CA LEU B 113 -14.87 -8.97 10.00
C LEU B 113 -14.33 -8.82 8.58
N VAL B 114 -13.74 -9.88 8.04
CA VAL B 114 -13.09 -9.80 6.74
C VAL B 114 -13.06 -11.14 6.02
N TYR B 115 -12.86 -11.05 4.70
CA TYR B 115 -12.89 -12.19 3.79
C TYR B 115 -12.13 -13.43 4.28
N ALA B 116 -10.92 -13.22 4.74
CA ALA B 116 -10.13 -14.33 5.21
C ALA B 116 -10.67 -14.91 6.51
N ASP B 117 -11.49 -14.16 7.27
CA ASP B 117 -12.11 -14.64 8.51
C ASP B 117 -13.25 -15.60 8.15
N CYS B 118 -14.34 -15.04 7.57
CA CYS B 118 -15.59 -15.73 7.31
C CYS B 118 -15.66 -16.42 5.95
N VAL B 119 -14.53 -16.62 5.26
CA VAL B 119 -14.49 -17.50 4.08
C VAL B 119 -13.29 -18.44 4.18
N LEU B 120 -12.08 -17.88 4.24
CA LEU B 120 -10.87 -18.72 4.25
C LEU B 120 -10.76 -19.58 5.53
N ALA B 121 -11.22 -19.04 6.66
CA ALA B 121 -11.03 -19.67 7.95
C ALA B 121 -12.35 -20.15 8.54
N ASN B 122 -13.44 -20.13 7.76
CA ASN B 122 -14.74 -20.61 8.25
C ASN B 122 -15.28 -21.92 7.62
N TRP B 123 -14.48 -22.99 7.58
CA TRP B 123 -14.90 -24.21 6.90
C TRP B 123 -14.54 -25.44 7.74
N LYS B 124 -15.31 -26.51 7.54
CA LYS B 124 -14.97 -27.81 8.13
C LYS B 124 -15.32 -28.97 7.21
N LYS B 125 -14.42 -29.95 7.13
CA LYS B 125 -14.65 -31.15 6.35
C LYS B 125 -15.50 -32.07 7.22
N LYS B 126 -16.78 -32.12 6.91
CA LYS B 126 -17.66 -33.20 7.33
C LYS B 126 -16.89 -34.50 7.59
N ASP B 127 -16.16 -35.02 6.60
CA ASP B 127 -15.27 -36.18 6.77
C ASP B 127 -13.86 -35.76 6.42
N PRO B 128 -12.88 -35.87 7.31
CA PRO B 128 -11.52 -35.50 6.91
C PRO B 128 -10.99 -36.38 5.78
N ASN B 129 -11.63 -37.53 5.53
CA ASN B 129 -11.11 -38.57 4.65
C ASN B 129 -11.81 -38.58 3.30
N LYS B 130 -12.41 -37.48 2.91
CA LYS B 130 -13.11 -37.45 1.63
C LYS B 130 -12.57 -36.27 0.84
N PRO B 131 -13.32 -35.71 -0.13
CA PRO B 131 -12.81 -34.55 -0.87
C PRO B 131 -13.61 -33.27 -0.66
N LEU B 132 -12.91 -32.15 -0.69
CA LEU B 132 -13.47 -30.83 -0.42
C LEU B 132 -14.58 -30.43 -1.38
N THR B 133 -15.74 -31.08 -1.31
CA THR B 133 -16.89 -30.74 -2.14
C THR B 133 -17.85 -29.94 -1.30
N TYR B 134 -18.71 -29.19 -1.97
CA TYR B 134 -19.77 -28.50 -1.23
C TYR B 134 -20.55 -29.47 -0.36
N GLU B 135 -20.87 -30.65 -0.90
CA GLU B 135 -21.62 -31.63 -0.11
C GLU B 135 -20.85 -31.94 1.15
N ASN B 136 -19.54 -32.22 1.03
CA ASN B 136 -18.69 -32.64 2.13
C ASN B 136 -18.20 -31.46 2.98
N MET B 137 -18.99 -30.36 3.05
CA MET B 137 -18.54 -29.19 3.81
C MET B 137 -19.72 -28.45 4.45
N ASP B 138 -19.40 -27.83 5.59
CA ASP B 138 -20.25 -26.90 6.30
C ASP B 138 -19.39 -25.71 6.76
N VAL B 139 -20.06 -24.64 7.20
CA VAL B 139 -19.37 -23.52 7.85
C VAL B 139 -19.45 -23.67 9.36
N LEU B 140 -18.66 -22.85 10.06
CA LEU B 140 -18.60 -22.82 11.52
C LEU B 140 -19.56 -21.83 12.14
N PHE B 141 -20.04 -20.84 11.37
CA PHE B 141 -20.80 -19.69 11.90
C PHE B 141 -21.73 -19.09 10.83
N SER B 142 -22.92 -18.58 11.24
CA SER B 142 -23.95 -17.99 10.38
C SER B 142 -24.64 -16.84 11.11
N PHE B 143 -25.36 -16.00 10.36
CA PHE B 143 -25.99 -14.87 11.05
C PHE B 143 -27.42 -15.14 11.47
N ARG B 144 -28.33 -15.09 10.53
CA ARG B 144 -29.70 -15.46 10.82
C ARG B 144 -29.96 -16.79 10.13
N ASP B 145 -30.94 -17.51 10.65
CA ASP B 145 -31.46 -18.63 9.91
C ASP B 145 -32.11 -18.07 8.65
N GLY B 146 -31.86 -18.71 7.51
CA GLY B 146 -32.36 -18.19 6.26
C GLY B 146 -31.63 -16.98 5.74
N ASP B 147 -30.38 -16.80 6.17
CA ASP B 147 -29.48 -15.87 5.51
C ASP B 147 -28.80 -16.51 4.32
N CYS B 148 -28.86 -17.85 4.24
CA CYS B 148 -28.15 -18.61 3.20
C CYS B 148 -26.67 -18.23 3.19
N SER B 149 -26.04 -18.28 4.38
CA SER B 149 -24.61 -18.01 4.42
C SER B 149 -23.78 -19.28 4.24
N LYS B 150 -24.33 -20.47 4.51
CA LYS B 150 -23.54 -21.66 4.22
C LYS B 150 -23.12 -21.63 2.76
N GLY B 151 -24.02 -21.19 1.87
CA GLY B 151 -23.76 -21.17 0.45
C GLY B 151 -22.85 -20.03 0.01
N PHE B 152 -23.19 -18.79 0.41
CA PHE B 152 -22.37 -17.64 0.03
C PHE B 152 -20.89 -17.86 0.30
N PHE B 153 -20.56 -18.45 1.45
CA PHE B 153 -19.18 -18.70 1.84
C PHE B 153 -18.58 -19.90 1.10
N LEU B 154 -19.21 -21.08 1.26
CA LEU B 154 -18.65 -22.30 0.71
C LEU B 154 -18.51 -22.24 -0.82
N VAL B 155 -19.31 -21.41 -1.48
CA VAL B 155 -19.08 -21.14 -2.90
C VAL B 155 -17.87 -20.22 -3.06
N SER B 156 -17.97 -19.00 -2.52
CA SER B 156 -16.87 -18.04 -2.58
C SER B 156 -15.53 -18.68 -2.24
N LEU B 157 -15.54 -19.63 -1.32
CA LEU B 157 -14.34 -20.36 -0.98
C LEU B 157 -13.96 -21.36 -2.07
N LEU B 158 -14.92 -22.21 -2.49
CA LEU B 158 -14.62 -23.18 -3.52
C LEU B 158 -14.11 -22.54 -4.83
N VAL B 159 -14.31 -21.23 -5.00
CA VAL B 159 -13.77 -20.53 -6.16
C VAL B 159 -12.35 -20.01 -5.90
N GLU B 160 -12.06 -19.57 -4.68
CA GLU B 160 -10.68 -19.35 -4.28
C GLU B 160 -9.85 -20.61 -4.49
N ILE B 161 -10.41 -21.76 -4.05
CA ILE B 161 -9.81 -23.10 -4.03
C ILE B 161 -9.50 -23.56 -5.45
N ALA B 162 -10.28 -23.05 -6.42
CA ALA B 162 -10.01 -23.30 -7.84
C ALA B 162 -8.80 -22.52 -8.30
N ALA B 163 -8.85 -21.19 -8.19
CA ALA B 163 -7.68 -20.32 -8.28
C ALA B 163 -6.54 -20.66 -7.28
N ALA B 164 -6.64 -21.78 -6.56
CA ALA B 164 -5.47 -22.33 -5.85
C ALA B 164 -4.51 -22.96 -6.84
N SER B 165 -5.06 -23.86 -7.64
CA SER B 165 -4.39 -24.55 -8.72
C SER B 165 -3.47 -23.64 -9.56
N ALA B 166 -3.62 -22.32 -9.41
CA ALA B 166 -2.93 -21.36 -10.25
C ALA B 166 -1.89 -20.54 -9.49
N ILE B 167 -1.79 -20.71 -8.19
CA ILE B 167 -0.78 -19.94 -7.48
C ILE B 167 0.54 -20.66 -7.54
N LYS B 168 0.53 -21.96 -7.23
CA LYS B 168 1.77 -22.72 -7.25
C LYS B 168 2.51 -22.63 -8.60
N VAL B 169 1.82 -22.19 -9.66
CA VAL B 169 2.44 -22.17 -10.98
C VAL B 169 3.26 -20.90 -11.16
N ILE B 170 2.72 -19.77 -10.69
CA ILE B 170 3.39 -18.49 -10.68
C ILE B 170 4.91 -18.57 -10.52
N PRO B 171 5.45 -19.41 -9.66
CA PRO B 171 6.90 -19.45 -9.58
C PRO B 171 7.53 -19.98 -10.86
N THR B 172 6.96 -21.04 -11.47
CA THR B 172 7.53 -21.61 -12.70
C THR B 172 7.57 -20.55 -13.79
N VAL B 173 6.45 -19.82 -13.96
CA VAL B 173 6.36 -18.73 -14.93
C VAL B 173 7.55 -17.79 -14.78
N PHE B 174 7.71 -17.17 -13.63
CA PHE B 174 8.87 -16.29 -13.48
C PHE B 174 10.18 -17.03 -13.64
N LYS B 175 10.18 -18.37 -13.59
CA LYS B 175 11.43 -19.08 -13.84
C LYS B 175 11.67 -19.21 -15.34
N ALA B 176 10.74 -19.82 -16.07
CA ALA B 176 10.86 -19.90 -17.52
C ALA B 176 11.31 -18.57 -18.15
N MET B 177 10.77 -17.44 -17.68
CA MET B 177 11.24 -16.15 -18.17
C MET B 177 12.71 -15.94 -17.86
N GLN B 178 13.09 -16.00 -16.59
CA GLN B 178 14.51 -15.86 -16.26
C GLN B 178 15.37 -16.91 -16.97
N MET B 179 14.79 -18.06 -17.32
CA MET B 179 15.52 -19.13 -18.05
C MET B 179 15.16 -19.24 -19.54
N GLN B 180 14.50 -18.23 -20.11
CA GLN B 180 14.24 -18.16 -21.55
C GLN B 180 13.76 -19.50 -22.08
N GLU B 181 13.01 -20.24 -21.25
CA GLU B 181 12.41 -21.51 -21.68
C GLU B 181 11.03 -21.19 -22.23
N ARG B 182 11.03 -20.56 -23.40
CA ARG B 182 9.77 -20.22 -24.05
C ARG B 182 8.83 -21.42 -24.15
N ASP B 183 9.34 -22.63 -24.03
CA ASP B 183 8.39 -23.73 -24.16
C ASP B 183 7.68 -24.08 -22.83
N THR B 184 8.42 -24.14 -21.72
CA THR B 184 7.80 -24.35 -20.41
C THR B 184 6.77 -23.24 -20.16
N LEU B 185 7.23 -22.02 -19.90
CA LEU B 185 6.39 -20.82 -19.77
C LEU B 185 5.00 -20.96 -20.34
N LEU B 186 4.88 -21.25 -21.65
CA LEU B 186 3.55 -21.31 -22.28
C LEU B 186 2.70 -22.49 -21.76
N LYS B 187 3.32 -23.61 -21.39
CA LYS B 187 2.52 -24.66 -20.80
C LYS B 187 1.99 -24.25 -19.43
N ALA B 188 2.67 -23.33 -18.74
CA ALA B 188 2.24 -22.88 -17.43
C ALA B 188 1.17 -21.79 -17.51
N LEU B 189 1.38 -20.72 -18.28
CA LEU B 189 0.32 -19.78 -18.63
C LEU B 189 -0.98 -20.50 -19.00
N LEU B 190 -0.82 -21.70 -19.55
CA LEU B 190 -1.97 -22.41 -20.07
C LEU B 190 -2.65 -23.19 -18.97
N GLU B 191 -1.83 -23.93 -18.20
CA GLU B 191 -2.26 -24.46 -16.90
C GLU B 191 -3.01 -23.38 -16.06
N ILE B 192 -2.39 -22.20 -15.83
CA ILE B 192 -3.07 -21.07 -15.14
C ILE B 192 -4.42 -20.78 -15.77
N ALA B 193 -4.42 -20.53 -17.09
CA ALA B 193 -5.66 -20.24 -17.79
C ALA B 193 -6.68 -21.35 -17.47
N SER B 194 -6.24 -22.61 -17.49
CA SER B 194 -7.13 -23.74 -17.31
C SER B 194 -7.87 -23.65 -15.98
N CYS B 195 -7.21 -23.15 -14.93
CA CYS B 195 -7.86 -23.00 -13.63
C CYS B 195 -8.95 -21.95 -13.69
N LEU B 196 -8.58 -20.70 -13.92
CA LEU B 196 -9.58 -19.64 -13.98
C LEU B 196 -10.75 -20.04 -14.85
N GLU B 197 -10.53 -20.86 -15.88
CA GLU B 197 -11.65 -21.26 -16.74
C GLU B 197 -12.60 -22.18 -15.99
N LYS B 198 -12.05 -23.03 -15.07
CA LYS B 198 -12.74 -24.02 -14.21
C LYS B 198 -13.27 -23.45 -12.90
N ALA B 199 -12.57 -22.49 -12.29
CA ALA B 199 -13.09 -21.74 -11.17
C ALA B 199 -14.34 -20.95 -11.54
N LEU B 200 -14.73 -20.97 -12.83
CA LEU B 200 -15.99 -20.41 -13.35
C LEU B 200 -17.12 -21.44 -13.33
N GLN B 201 -16.81 -22.70 -13.66
CA GLN B 201 -17.81 -23.76 -13.56
C GLN B 201 -18.26 -23.94 -12.12
N VAL B 202 -17.30 -23.89 -11.19
CA VAL B 202 -17.58 -23.94 -9.76
C VAL B 202 -18.64 -22.89 -9.38
N PHE B 203 -18.34 -21.61 -9.64
CA PHE B 203 -19.25 -20.48 -9.40
C PHE B 203 -20.69 -20.75 -9.84
N HIS B 204 -20.98 -21.85 -10.55
CA HIS B 204 -22.36 -22.17 -10.91
C HIS B 204 -23.14 -22.80 -9.75
N GLN B 205 -22.44 -23.28 -8.73
CA GLN B 205 -23.09 -23.84 -7.54
C GLN B 205 -23.83 -22.79 -6.71
N ILE B 206 -23.55 -21.50 -6.92
CA ILE B 206 -24.22 -20.46 -6.13
C ILE B 206 -25.72 -20.46 -6.38
N HIS B 207 -26.11 -20.56 -7.64
CA HIS B 207 -27.53 -20.49 -7.98
C HIS B 207 -28.31 -21.61 -7.29
N ASP B 208 -27.60 -22.66 -6.86
CA ASP B 208 -28.17 -23.82 -6.18
C ASP B 208 -28.03 -23.78 -4.64
N HIS B 209 -27.51 -22.69 -4.07
CA HIS B 209 -27.36 -22.60 -2.61
C HIS B 209 -27.50 -21.17 -2.12
N VAL B 210 -28.43 -20.39 -2.72
CA VAL B 210 -28.79 -19.07 -2.18
C VAL B 210 -30.28 -18.76 -2.42
N ASN B 211 -30.71 -17.56 -1.96
CA ASN B 211 -32.01 -16.93 -2.13
C ASN B 211 -31.70 -15.43 -2.26
N PRO B 212 -32.13 -14.76 -3.33
CA PRO B 212 -31.73 -13.34 -3.51
C PRO B 212 -32.32 -12.40 -2.48
N LYS B 213 -33.57 -12.65 -2.11
CA LYS B 213 -34.26 -11.91 -1.07
C LYS B 213 -33.34 -11.92 0.14
N ALA B 214 -33.11 -13.12 0.67
CA ALA B 214 -32.22 -13.30 1.81
C ALA B 214 -31.00 -12.42 1.61
N PHE B 215 -30.12 -12.80 0.69
CA PHE B 215 -28.88 -12.04 0.55
C PHE B 215 -29.05 -10.53 0.61
N PHE B 216 -29.92 -9.98 -0.21
CA PHE B 216 -29.88 -8.53 -0.32
C PHE B 216 -30.30 -7.88 1.00
N SER B 217 -31.35 -8.40 1.64
CA SER B 217 -32.00 -7.74 2.79
C SER B 217 -31.55 -8.31 4.13
N VAL B 218 -30.60 -9.23 4.12
CA VAL B 218 -30.11 -9.94 5.30
C VAL B 218 -28.57 -9.88 5.28
N LEU B 219 -27.95 -10.87 4.65
CA LEU B 219 -26.54 -11.12 4.83
C LEU B 219 -25.75 -9.81 4.75
N ARG B 220 -25.78 -9.20 3.57
CA ARG B 220 -25.07 -7.95 3.25
C ARG B 220 -25.28 -6.86 4.31
N ILE B 221 -26.45 -6.85 5.00
CA ILE B 221 -26.69 -5.86 6.06
C ILE B 221 -25.75 -6.14 7.22
N TYR B 222 -25.50 -7.44 7.49
CA TYR B 222 -24.61 -7.84 8.59
C TYR B 222 -23.15 -7.78 8.20
N LEU B 223 -22.85 -7.77 6.90
CA LEU B 223 -21.46 -7.65 6.48
C LEU B 223 -21.07 -6.20 6.27
N SER B 224 -22.05 -5.32 6.11
CA SER B 224 -21.80 -3.88 6.01
C SER B 224 -20.77 -3.42 7.02
N GLY B 225 -20.12 -2.28 6.75
CA GLY B 225 -19.14 -1.76 7.68
C GLY B 225 -19.31 -0.31 8.14
N TRP B 226 -18.34 0.20 8.91
CA TRP B 226 -18.39 1.55 9.44
C TRP B 226 -17.30 2.38 8.76
N LYS B 227 -17.57 2.68 7.49
CA LYS B 227 -16.75 3.54 6.63
C LYS B 227 -17.72 4.20 5.67
N GLY B 228 -17.89 5.50 5.88
CA GLY B 228 -18.83 6.30 5.12
C GLY B 228 -20.21 5.67 5.12
N ASN B 229 -20.53 4.86 6.09
CA ASN B 229 -21.90 4.42 6.24
C ASN B 229 -22.69 5.57 6.87
N PRO B 230 -23.88 5.88 6.36
CA PRO B 230 -24.69 6.91 7.04
C PRO B 230 -25.14 6.51 8.44
N GLN B 231 -25.48 5.21 8.65
CA GLN B 231 -25.95 4.75 9.98
C GLN B 231 -24.88 5.01 11.02
N LEU B 232 -23.63 4.64 10.75
CA LEU B 232 -22.49 5.04 11.59
C LEU B 232 -21.66 6.06 10.81
N SER B 233 -22.12 7.31 10.86
CA SER B 233 -21.47 8.35 10.10
C SER B 233 -20.01 8.50 10.48
N ASP B 234 -19.67 8.39 11.76
CA ASP B 234 -18.35 8.76 12.20
C ASP B 234 -17.42 7.59 12.51
N GLY B 235 -17.90 6.34 12.48
CA GLY B 235 -17.03 5.21 12.73
C GLY B 235 -17.60 4.17 13.68
N LEU B 236 -16.82 3.81 14.69
CA LEU B 236 -17.20 2.87 15.76
C LEU B 236 -16.22 3.01 16.92
N VAL B 237 -16.75 2.86 18.12
CA VAL B 237 -15.99 3.15 19.33
C VAL B 237 -15.47 1.84 19.92
N TYR B 238 -14.18 1.58 19.70
CA TYR B 238 -13.54 0.47 20.38
C TYR B 238 -13.29 0.96 21.79
N GLU B 239 -14.28 0.68 22.65
CA GLU B 239 -14.20 1.04 24.07
C GLU B 239 -12.98 0.39 24.72
N GLY B 240 -12.35 1.12 25.64
CA GLY B 240 -11.15 0.64 26.29
C GLY B 240 -9.99 0.47 25.35
N PHE B 241 -10.00 1.20 24.23
CA PHE B 241 -9.03 0.94 23.18
C PHE B 241 -8.84 2.05 22.17
N TRP B 242 -9.90 2.72 21.72
CA TRP B 242 -9.71 3.96 20.94
C TRP B 242 -10.77 4.93 21.40
N GLU B 243 -10.32 5.92 22.17
CA GLU B 243 -11.16 7.00 22.63
C GLU B 243 -11.94 7.53 21.42
N ASP B 244 -11.29 7.63 20.29
CA ASP B 244 -12.01 8.15 19.15
C ASP B 244 -12.70 7.02 18.38
N PRO B 245 -13.78 7.34 17.64
CA PRO B 245 -14.47 6.33 16.81
C PRO B 245 -13.70 6.07 15.54
N LYS B 246 -13.33 4.82 15.30
CA LYS B 246 -12.53 4.45 14.14
C LYS B 246 -13.40 3.87 13.02
N GLU B 247 -13.00 4.16 11.78
CA GLU B 247 -13.69 3.71 10.58
C GLU B 247 -12.91 2.60 9.92
N PHE B 248 -13.60 1.52 9.58
CA PHE B 248 -13.04 0.43 8.80
C PHE B 248 -14.10 -0.06 7.84
N ALA B 249 -13.63 -0.59 6.72
CA ALA B 249 -14.50 -0.91 5.60
C ALA B 249 -15.06 -2.31 5.75
N GLY B 250 -16.27 -2.52 5.21
CA GLY B 250 -16.90 -3.82 5.23
C GLY B 250 -15.99 -5.01 4.97
N GLY B 251 -16.62 -6.14 4.70
CA GLY B 251 -15.96 -7.28 4.12
C GLY B 251 -16.42 -7.29 2.67
N SER B 252 -15.45 -7.34 1.76
CA SER B 252 -15.62 -7.38 0.31
C SER B 252 -14.73 -8.50 -0.17
N ALA B 253 -15.00 -9.06 -1.35
CA ALA B 253 -14.04 -10.06 -1.84
C ALA B 253 -12.78 -9.42 -2.42
N GLY B 254 -12.83 -8.11 -2.67
CA GLY B 254 -11.68 -7.31 -3.12
C GLY B 254 -10.52 -7.43 -2.15
N GLN B 255 -10.85 -8.03 -1.02
CA GLN B 255 -9.87 -8.53 -0.06
C GLN B 255 -9.38 -9.93 -0.37
N SER B 256 -9.85 -10.56 -1.42
CA SER B 256 -9.25 -11.83 -1.80
C SER B 256 -7.94 -11.56 -2.50
N SER B 257 -6.94 -12.39 -2.19
CA SER B 257 -5.70 -12.29 -2.93
C SER B 257 -6.00 -12.89 -4.31
N VAL B 258 -5.58 -14.14 -4.60
CA VAL B 258 -5.92 -14.85 -5.85
C VAL B 258 -6.16 -13.92 -7.06
N PHE B 259 -7.25 -13.13 -7.02
CA PHE B 259 -7.72 -12.22 -8.08
C PHE B 259 -7.05 -10.85 -8.12
N GLN B 260 -7.05 -10.10 -7.03
CA GLN B 260 -6.02 -9.09 -6.86
C GLN B 260 -4.72 -9.62 -7.46
N CYS B 261 -4.37 -10.88 -7.14
CA CYS B 261 -3.03 -11.35 -7.47
C CYS B 261 -2.93 -11.87 -8.89
N PHE B 262 -4.00 -12.28 -9.55
CA PHE B 262 -3.83 -12.71 -10.93
C PHE B 262 -3.73 -11.55 -11.87
N ASP B 263 -4.54 -10.52 -11.65
CA ASP B 263 -4.33 -9.25 -12.35
C ASP B 263 -2.88 -8.79 -12.27
N VAL B 264 -2.31 -8.82 -11.08
CA VAL B 264 -0.88 -8.56 -10.94
C VAL B 264 -0.07 -9.41 -11.91
N LEU B 265 -0.24 -10.74 -11.89
CA LEU B 265 0.59 -11.62 -12.72
C LEU B 265 0.44 -11.29 -14.20
N LEU B 266 -0.80 -11.13 -14.64
CA LEU B 266 -1.13 -10.82 -16.01
C LEU B 266 -0.89 -9.36 -16.37
N GLY B 267 -0.26 -8.58 -15.51
CA GLY B 267 -0.02 -7.18 -15.80
C GLY B 267 -1.20 -6.23 -15.59
N ILE B 268 -2.45 -6.74 -15.48
CA ILE B 268 -3.67 -5.92 -15.52
C ILE B 268 -3.79 -5.00 -14.32
N GLN B 269 -3.30 -3.75 -14.43
CA GLN B 269 -3.10 -2.86 -13.27
C GLN B 269 -4.41 -2.28 -12.78
N GLN B 270 -5.09 -3.06 -11.93
CA GLN B 270 -6.33 -2.61 -11.33
C GLN B 270 -6.11 -1.47 -10.36
N THR B 271 -4.94 -1.45 -9.73
CA THR B 271 -4.67 -0.74 -8.48
C THR B 271 -4.02 0.62 -8.69
N ALA B 272 -4.22 1.25 -9.85
CA ALA B 272 -3.59 2.54 -10.17
C ALA B 272 -4.52 3.33 -11.08
N GLY B 273 -4.33 4.64 -11.05
CA GLY B 273 -5.22 5.56 -11.74
C GLY B 273 -6.02 6.43 -10.83
N GLY B 274 -5.76 6.38 -9.51
CA GLY B 274 -6.59 7.06 -8.55
C GLY B 274 -8.07 6.73 -8.69
N GLY B 275 -8.43 5.89 -9.69
CA GLY B 275 -9.81 5.59 -10.01
C GLY B 275 -10.61 5.29 -8.75
N HIS B 276 -11.92 5.29 -8.85
CA HIS B 276 -12.66 4.78 -7.72
C HIS B 276 -12.14 3.38 -7.43
N ALA B 277 -12.62 2.39 -8.20
CA ALA B 277 -12.20 1.00 -8.07
C ALA B 277 -10.70 0.91 -7.92
N ALA B 278 -9.96 1.51 -8.83
CA ALA B 278 -8.52 1.33 -8.85
C ALA B 278 -7.90 1.52 -7.46
N GLN B 279 -8.44 2.48 -6.71
CA GLN B 279 -7.89 2.81 -5.40
C GLN B 279 -8.32 1.79 -4.35
N PHE B 280 -9.61 1.75 -4.03
CA PHE B 280 -10.30 0.68 -3.30
C PHE B 280 -9.52 -0.62 -3.27
N LEU B 281 -9.13 -1.17 -4.43
CA LEU B 281 -8.38 -2.43 -4.41
C LEU B 281 -6.98 -2.27 -3.85
N GLN B 282 -6.48 -1.05 -3.68
CA GLN B 282 -5.22 -0.81 -2.97
C GLN B 282 -5.45 -0.69 -1.45
N ASP B 283 -6.63 -0.21 -1.03
CA ASP B 283 -7.03 -0.28 0.38
C ASP B 283 -7.35 -1.71 0.82
N MET B 284 -8.14 -2.45 0.02
CA MET B 284 -8.45 -3.82 0.42
C MET B 284 -7.20 -4.67 0.49
N ARG B 285 -6.04 -4.12 0.10
CA ARG B 285 -4.80 -4.85 0.33
C ARG B 285 -4.51 -4.96 1.83
N ARG B 286 -5.02 -3.98 2.60
CA ARG B 286 -4.80 -3.89 4.04
C ARG B 286 -5.59 -4.94 4.80
N TYR B 287 -6.70 -5.42 4.24
CA TYR B 287 -7.58 -6.28 5.03
C TYR B 287 -7.30 -7.78 4.82
N MET B 288 -6.04 -8.11 4.67
CA MET B 288 -5.59 -9.44 4.30
C MET B 288 -4.44 -9.87 5.19
N PRO B 289 -4.19 -11.18 5.29
CA PRO B 289 -3.02 -11.65 6.05
C PRO B 289 -1.75 -10.98 5.56
N PRO B 290 -0.98 -10.31 6.42
CA PRO B 290 0.29 -9.71 5.95
C PRO B 290 1.19 -10.65 5.11
N ALA B 291 1.12 -11.99 5.28
CA ALA B 291 1.92 -12.90 4.44
C ALA B 291 1.30 -13.07 3.07
N HIS B 292 0.03 -12.72 2.96
CA HIS B 292 -0.72 -12.66 1.71
C HIS B 292 -0.60 -11.28 1.05
N ARG B 293 -0.54 -10.23 1.87
CA ARG B 293 -0.23 -8.88 1.42
C ARG B 293 1.16 -8.82 0.85
N ASN B 294 2.09 -9.58 1.40
CA ASN B 294 3.42 -9.54 0.84
C ASN B 294 3.62 -10.52 -0.30
N PHE B 295 2.62 -11.32 -0.67
CA PHE B 295 2.70 -12.01 -1.95
C PHE B 295 2.58 -11.01 -3.09
N LEU B 296 1.52 -10.19 -3.07
CA LEU B 296 1.33 -9.21 -4.11
C LEU B 296 2.61 -8.40 -4.21
N CYS B 297 2.84 -7.51 -3.25
CA CYS B 297 4.13 -6.86 -3.12
C CYS B 297 5.28 -7.65 -3.75
N SER B 298 5.38 -8.98 -3.55
CA SER B 298 6.50 -9.77 -4.08
C SER B 298 6.34 -10.21 -5.54
N LEU B 299 5.10 -10.32 -6.04
CA LEU B 299 4.90 -10.50 -7.48
C LEU B 299 5.13 -9.21 -8.23
N GLU B 300 4.55 -8.10 -7.74
CA GLU B 300 4.77 -6.77 -8.32
C GLU B 300 6.25 -6.39 -8.43
N SER B 301 7.12 -6.99 -7.63
CA SER B 301 8.56 -6.79 -7.79
C SER B 301 9.15 -7.66 -8.88
N ASN B 302 8.40 -8.68 -9.36
CA ASN B 302 8.82 -9.57 -10.41
C ASN B 302 8.55 -8.98 -11.79
N PRO B 303 9.50 -9.22 -12.75
CA PRO B 303 9.39 -8.66 -14.09
C PRO B 303 8.01 -8.89 -14.67
N SER B 304 7.65 -8.23 -15.76
CA SER B 304 6.31 -8.48 -16.24
C SER B 304 6.27 -9.84 -16.93
N VAL B 305 5.07 -10.37 -17.00
CA VAL B 305 4.80 -11.48 -17.87
C VAL B 305 4.33 -10.96 -19.21
N ARG B 306 3.49 -9.94 -19.21
CA ARG B 306 3.02 -9.38 -20.47
C ARG B 306 4.18 -8.89 -21.31
N GLU B 307 4.90 -7.88 -20.80
CA GLU B 307 5.91 -7.21 -21.62
C GLU B 307 6.88 -8.20 -22.23
N PHE B 308 7.14 -9.31 -21.53
CA PHE B 308 7.90 -10.41 -22.09
C PHE B 308 7.14 -11.07 -23.23
N VAL B 309 5.92 -11.57 -22.97
CA VAL B 309 5.15 -12.26 -24.03
C VAL B 309 4.95 -11.37 -25.24
N LEU B 310 4.79 -10.07 -25.02
CA LEU B 310 4.67 -9.15 -26.12
C LEU B 310 5.94 -9.13 -26.99
N SER B 311 7.07 -8.71 -26.40
CA SER B 311 8.34 -8.58 -27.12
C SER B 311 8.55 -9.71 -28.11
N LYS B 312 8.49 -10.92 -27.57
CA LYS B 312 8.83 -12.18 -28.21
C LYS B 312 8.17 -12.39 -29.58
N GLY B 313 7.08 -11.69 -29.87
CA GLY B 313 6.50 -11.83 -31.21
C GLY B 313 6.17 -13.26 -31.48
N ASP B 314 5.78 -13.99 -30.42
CA ASP B 314 5.37 -15.38 -30.52
C ASP B 314 3.85 -15.44 -30.35
N ALA B 315 3.23 -16.33 -31.14
CA ALA B 315 1.80 -16.41 -31.41
C ALA B 315 1.15 -17.58 -30.71
N GLY B 316 1.90 -18.66 -30.51
CA GLY B 316 1.55 -19.58 -29.45
C GLY B 316 1.43 -18.91 -28.09
N LEU B 317 2.49 -18.24 -27.63
CA LEU B 317 2.48 -17.50 -26.37
C LEU B 317 1.39 -16.44 -26.26
N ARG B 318 1.48 -15.38 -27.05
CA ARG B 318 0.48 -14.32 -26.95
C ARG B 318 -0.90 -14.95 -26.93
N GLU B 319 -1.06 -16.17 -27.48
CA GLU B 319 -2.36 -16.82 -27.44
C GLU B 319 -2.70 -17.33 -26.05
N ALA B 320 -1.72 -17.96 -25.37
CA ALA B 320 -1.89 -18.48 -23.99
C ALA B 320 -2.18 -17.37 -23.02
N TYR B 321 -1.22 -16.45 -22.86
CA TYR B 321 -1.46 -15.26 -22.05
C TYR B 321 -2.82 -14.65 -22.32
N ASP B 322 -3.35 -14.80 -23.54
CA ASP B 322 -4.68 -14.31 -23.85
C ASP B 322 -5.75 -15.24 -23.29
N ALA B 323 -5.43 -16.55 -23.11
CA ALA B 323 -6.39 -17.51 -22.54
C ALA B 323 -6.63 -17.29 -21.04
N CYS B 324 -5.60 -16.82 -20.33
CA CYS B 324 -5.78 -16.31 -18.98
C CYS B 324 -6.67 -15.07 -18.98
N VAL B 325 -6.23 -13.98 -19.63
CA VAL B 325 -7.04 -12.77 -19.58
C VAL B 325 -8.47 -13.06 -20.05
N LYS B 326 -8.67 -14.15 -20.81
CA LYS B 326 -10.00 -14.40 -21.33
C LYS B 326 -10.87 -15.05 -20.29
N ALA B 327 -10.27 -15.94 -19.50
CA ALA B 327 -10.92 -16.55 -18.34
C ALA B 327 -11.24 -15.52 -17.25
N LEU B 328 -10.27 -14.73 -16.79
CA LEU B 328 -10.57 -13.67 -15.82
C LEU B 328 -11.83 -12.91 -16.23
N VAL B 329 -11.93 -12.51 -17.51
CA VAL B 329 -13.05 -11.68 -17.97
C VAL B 329 -14.30 -12.51 -18.15
N SER B 330 -14.20 -13.79 -18.55
CA SER B 330 -15.36 -14.68 -18.46
C SER B 330 -16.01 -14.59 -17.06
N LEU B 331 -15.18 -14.67 -15.99
CA LEU B 331 -15.66 -14.55 -14.61
C LEU B 331 -16.18 -13.16 -14.35
N ARG B 332 -15.28 -12.24 -13.99
CA ARG B 332 -15.61 -10.84 -13.73
C ARG B 332 -16.89 -10.38 -14.47
N SER B 333 -17.13 -10.89 -15.74
CA SER B 333 -18.35 -10.72 -16.60
C SER B 333 -19.49 -11.65 -16.22
N TYR B 334 -19.32 -12.40 -15.15
CA TYR B 334 -20.33 -13.23 -14.54
C TYR B 334 -20.87 -12.55 -13.29
N HIS B 335 -19.98 -11.99 -12.48
CA HIS B 335 -20.37 -11.13 -11.40
C HIS B 335 -21.58 -10.29 -11.73
N LEU B 336 -21.46 -9.44 -12.74
CA LEU B 336 -22.57 -8.57 -13.10
C LEU B 336 -23.78 -9.39 -13.53
N GLN B 337 -23.53 -10.62 -14.01
CA GLN B 337 -24.58 -11.58 -14.35
C GLN B 337 -25.20 -12.23 -13.13
N ILE B 338 -24.52 -12.14 -11.99
CA ILE B 338 -25.13 -12.50 -10.73
C ILE B 338 -25.56 -11.25 -9.98
N VAL B 339 -24.62 -10.33 -9.69
CA VAL B 339 -24.95 -9.03 -9.07
C VAL B 339 -26.37 -8.59 -9.40
N THR B 340 -26.66 -8.43 -10.69
CA THR B 340 -27.97 -8.00 -11.14
C THR B 340 -29.09 -8.88 -10.52
N LYS B 341 -28.90 -10.20 -10.53
CA LYS B 341 -29.88 -11.09 -9.90
C LYS B 341 -30.05 -10.82 -8.40
N TYR B 342 -28.95 -10.65 -7.68
CA TYR B 342 -28.98 -10.64 -6.22
C TYR B 342 -28.86 -9.24 -5.60
N ILE B 343 -28.92 -8.16 -6.37
CA ILE B 343 -28.76 -6.83 -5.74
C ILE B 343 -29.44 -5.74 -6.55
N LEU B 344 -29.11 -5.62 -7.83
CA LEU B 344 -29.72 -4.53 -8.59
C LEU B 344 -31.23 -4.74 -8.74
N ILE B 345 -31.67 -6.00 -8.70
CA ILE B 345 -33.06 -6.35 -8.93
C ILE B 345 -33.82 -6.19 -7.61
N PRO B 346 -33.44 -6.89 -6.53
CA PRO B 346 -34.05 -6.52 -5.23
C PRO B 346 -33.83 -5.03 -4.84
N ALA B 347 -32.85 -4.26 -5.49
CA ALA B 347 -32.56 -2.80 -5.23
C ALA B 347 -33.68 -1.82 -5.81
N SER B 348 -34.82 -2.44 -6.09
CA SER B 348 -36.03 -1.76 -6.55
C SER B 348 -37.27 -2.19 -5.80
N GLN B 349 -37.19 -3.26 -5.01
CA GLN B 349 -38.35 -3.83 -4.32
C GLN B 349 -38.23 -3.59 -2.79
N GLY B 369 -27.04 4.36 -5.52
CA GLY B 369 -26.89 3.58 -4.29
C GLY B 369 -26.55 2.13 -4.58
N GLY B 370 -27.35 1.53 -5.46
CA GLY B 370 -27.04 0.22 -6.01
C GLY B 370 -26.51 0.31 -7.42
N THR B 371 -26.08 1.50 -7.85
CA THR B 371 -25.40 1.66 -9.15
C THR B 371 -23.89 1.90 -9.01
N ASP B 372 -23.46 2.65 -8.00
CA ASP B 372 -22.03 2.81 -7.76
C ASP B 372 -21.29 1.47 -7.77
N LEU B 373 -21.95 0.40 -7.32
CA LEU B 373 -21.40 -0.96 -7.43
C LEU B 373 -21.01 -1.26 -8.89
N MET B 374 -21.89 -0.92 -9.84
CA MET B 374 -21.70 -1.28 -11.24
C MET B 374 -20.46 -0.58 -11.82
N ASN B 375 -20.42 0.74 -11.72
CA ASN B 375 -19.28 1.50 -12.19
C ASN B 375 -17.98 1.03 -11.57
N PHE B 376 -18.04 0.33 -10.42
CA PHE B 376 -16.87 -0.38 -9.92
C PHE B 376 -16.63 -1.63 -10.78
N LEU B 377 -17.59 -2.57 -10.79
CA LEU B 377 -17.35 -3.88 -11.42
C LEU B 377 -17.16 -3.79 -12.94
N LYS B 378 -17.78 -2.80 -13.59
CA LYS B 378 -17.54 -2.58 -15.03
C LYS B 378 -16.13 -2.02 -15.26
N THR B 379 -15.75 -0.95 -14.52
CA THR B 379 -14.39 -0.42 -14.55
C THR B 379 -13.33 -1.51 -14.36
N VAL B 380 -13.60 -2.48 -13.48
CA VAL B 380 -12.61 -3.52 -13.22
C VAL B 380 -12.59 -4.54 -14.36
N ARG B 381 -13.78 -4.90 -14.87
CA ARG B 381 -13.86 -5.73 -16.07
C ARG B 381 -13.35 -4.98 -17.30
N SER B 382 -13.74 -3.72 -17.49
CA SER B 382 -13.09 -2.96 -18.55
C SER B 382 -11.58 -3.23 -18.48
N THR B 383 -10.92 -2.75 -17.44
CA THR B 383 -9.48 -2.79 -17.44
C THR B 383 -8.94 -4.21 -17.54
N THR B 384 -9.76 -5.22 -17.28
CA THR B 384 -9.32 -6.60 -17.42
C THR B 384 -9.37 -7.11 -18.85
N GLU B 385 -10.39 -6.68 -19.62
CA GLU B 385 -10.55 -7.04 -21.05
C GLU B 385 -9.68 -6.16 -21.98
N LYS B 386 -9.65 -4.84 -21.74
CA LYS B 386 -8.64 -3.92 -22.29
C LYS B 386 -7.20 -4.22 -21.83
N SER B 387 -6.86 -5.49 -21.66
CA SER B 387 -5.46 -5.91 -21.61
C SER B 387 -5.25 -7.10 -22.56
N LEU B 388 -6.24 -7.41 -23.38
CA LEU B 388 -6.12 -8.53 -24.28
C LEU B 388 -5.13 -8.20 -25.42
N LEU B 389 -4.85 -9.24 -26.22
CA LEU B 389 -4.01 -9.13 -27.39
C LEU B 389 -4.77 -9.71 -28.62
C10 HS0 C . 11.21 17.43 2.49
BR1 HS0 C . 11.80 17.51 -1.57
C02 HS0 C . 10.95 17.65 0.12
C03 HS0 C . 9.61 17.98 0.24
C04 HS0 C . 9.06 18.04 1.51
N05 HS0 C . 7.67 18.40 1.62
C06 HS0 C . 9.89 17.76 2.61
C07 HS0 C . 9.66 17.75 4.00
N08 HS0 C . 10.79 17.44 4.61
N09 HS0 C . 11.78 17.23 3.68
C11 HS0 C . 11.76 17.37 1.20
CHA HEM D . 7.81 15.05 6.31
CHB HEM D . 8.69 19.78 6.82
CHC HEM D . 13.48 19.03 6.60
CHD HEM D . 12.60 14.31 6.30
C1A HEM D . 7.64 16.40 6.41
C2A HEM D . 6.39 17.11 6.42
C3A HEM D . 6.58 18.40 6.58
C4A HEM D . 8.02 18.59 6.67
CMA HEM D . 5.43 19.46 6.65
CAA HEM D . 5.04 16.45 6.30
CBA HEM D . 4.94 16.02 4.85
CGA HEM D . 4.54 17.27 4.13
O1A HEM D . 3.64 18.01 4.66
O2A HEM D . 5.14 17.48 3.03
C1B HEM D . 10.06 19.95 6.75
C2B HEM D . 10.72 21.21 6.68
C3B HEM D . 12.05 21.02 6.59
C4B HEM D . 12.25 19.60 6.63
CMB HEM D . 9.87 22.51 6.67
CAB HEM D . 13.24 22.01 6.50
CBB HEM D . 13.15 23.34 6.67
C1C HEM D . 13.65 17.68 6.48
C2C HEM D . 14.91 16.98 6.38
C3C HEM D . 14.64 15.67 6.33
C4C HEM D . 13.22 15.51 6.36
CMC HEM D . 16.28 17.69 6.42
CAC HEM D . 15.57 14.43 6.19
CBC HEM D . 16.69 14.48 5.45
C1D HEM D . 11.24 14.13 6.28
C2D HEM D . 10.63 12.86 6.17
C3D HEM D . 9.31 13.04 6.18
C4D HEM D . 9.05 14.46 6.30
CMD HEM D . 11.41 11.53 6.04
CAD HEM D . 8.24 11.93 6.09
CBD HEM D . 8.40 10.86 7.21
CGD HEM D . 7.56 11.25 8.41
O1D HEM D . 8.14 11.06 9.54
O2D HEM D . 6.39 11.73 8.24
NA HEM D . 8.63 17.34 6.58
NB HEM D . 11.02 18.97 6.73
NC HEM D . 12.63 16.75 6.47
ND HEM D . 10.27 15.10 6.37
FE HEM D . 10.53 16.97 6.65
C10 HS0 E . -17.87 -11.41 -1.46
BR1 HS0 E . -17.15 -12.42 2.54
C02 HS0 E . -17.69 -11.39 1.01
C03 HS0 E . -18.17 -10.07 1.02
C04 HS0 E . -18.49 -9.44 -0.21
N05 HS0 E . -19.00 -8.08 -0.24
C06 HS0 E . -18.32 -10.12 -1.44
C07 HS0 E . -18.55 -9.78 -2.80
N08 HS0 E . -18.24 -10.85 -3.52
N09 HS0 E . -17.81 -11.87 -2.70
C11 HS0 E . -17.55 -12.04 -0.24
CHA HEM F . -16.69 -7.85 -5.75
CHB HEM F . -15.34 -12.46 -6.08
CHC HEM F . -19.91 -13.78 -5.22
CHD HEM F . -21.32 -9.18 -5.10
C1A HEM F . -15.91 -8.95 -5.98
C2A HEM F . -14.51 -8.98 -6.41
C3A HEM F . -14.16 -10.31 -6.46
C4A HEM F . -15.30 -11.09 -6.12
CMA HEM F . -12.82 -10.99 -6.85
CAA HEM F . -13.63 -7.70 -6.69
CBA HEM F . -12.78 -7.68 -8.01
CGA HEM F . -13.61 -8.00 -9.24
O1A HEM F . -13.77 -7.15 -10.16
O2A HEM F . -14.13 -9.15 -9.32
C1B HEM F . -16.48 -13.19 -5.89
C2B HEM F . -16.55 -14.62 -5.93
C3B HEM F . -17.81 -14.99 -5.67
C4B HEM F . -18.57 -13.79 -5.48
CMB HEM F . -15.32 -15.49 -6.21
CAB HEM F . -18.46 -16.39 -5.62
CBB HEM F . -17.89 -17.49 -6.18
C1C HEM F . -20.69 -12.67 -5.18
C2C HEM F . -22.12 -12.69 -5.07
C3C HEM F . -22.49 -11.40 -5.06
C4C HEM F . -21.32 -10.55 -5.13
CMC HEM F . -22.94 -14.01 -5.05
CAC HEM F . -23.88 -10.72 -4.96
CBC HEM F . -25.01 -11.32 -4.58
C1D HEM F . -20.19 -8.44 -5.21
C2D HEM F . -20.15 -7.02 -5.14
C3D HEM F . -18.88 -6.65 -5.29
C4D HEM F . -18.07 -7.84 -5.51
CMD HEM F . -21.39 -6.11 -4.90
CAD HEM F . -18.36 -5.17 -5.34
CBD HEM F . -17.35 -4.81 -4.24
CGD HEM F . -18.17 -4.71 -3.00
O1D HEM F . -18.61 -5.81 -2.57
O2D HEM F . -18.38 -3.59 -2.45
NA HEM F . -16.36 -10.24 -5.83
NB HEM F . -17.73 -12.70 -5.60
NC HEM F . -20.22 -11.36 -5.22
ND HEM F . -18.92 -8.92 -5.45
FE HEM F . -18.40 -10.70 -5.66
#